data_7BK9
#
_entry.id   7BK9
#
_cell.length_a   113.640
_cell.length_b   143.500
_cell.length_c   77.780
_cell.angle_alpha   90.000
_cell.angle_beta   114.080
_cell.angle_gamma   90.000
#
_symmetry.space_group_name_H-M   'C 1 2 1'
#
loop_
_entity.id
_entity.type
_entity.pdbx_description
1 polymer '3-hydroxydecanoyl-[acyl-carrier-protein] dehydratase'
2 non-polymer '5-[(2,3-Dihydro-1H-inden-5-yloxy)methyl]-2-furoic acid'
3 water water
#
_entity_poly.entity_id   1
_entity_poly.type   'polypeptide(L)'
_entity_poly.pdbx_seq_one_letter_code
;MTKQHAFTREDLLRCSRGELFGPGNAQLPAPNMLMIDRIVHISDVGGKYGKGELVAELDINPDLWFFACHFEGDPVMPGC
LGLDAMWQLVGFYLGWQGNPGRGRALGSGEVKFFGQVLPTAKKVTYNIHIKRTINRSLVLAIADGTVSVDGREIYSAEGL
RVGLFTSTDSF
;
_entity_poly.pdbx_strand_id   A,B,D,C,E
#
# COMPACT_ATOMS: atom_id res chain seq x y z
N THR A 2 -16.18 17.86 29.91
CA THR A 2 -15.97 16.71 28.98
C THR A 2 -17.28 15.92 28.84
N LYS A 3 -18.22 16.03 29.77
CA LYS A 3 -19.48 15.25 29.72
C LYS A 3 -20.45 15.84 28.69
N GLN A 4 -20.42 17.17 28.45
CA GLN A 4 -21.40 17.80 27.52
C GLN A 4 -20.80 17.87 26.10
N HIS A 5 -21.47 17.32 25.08
CA HIS A 5 -20.89 17.15 23.71
C HIS A 5 -21.58 18.05 22.66
N ALA A 6 -22.57 18.83 23.10
CA ALA A 6 -23.30 19.80 22.26
C ALA A 6 -23.71 20.99 23.15
N PHE A 7 -23.78 22.17 22.57
CA PHE A 7 -24.06 23.45 23.28
C PHE A 7 -25.04 24.28 22.46
N THR A 8 -26.05 24.81 23.14
CA THR A 8 -27.10 25.70 22.57
C THR A 8 -26.53 27.10 22.57
N ARG A 9 -27.21 28.01 21.87
CA ARG A 9 -26.85 29.45 21.86
C ARG A 9 -26.83 29.94 23.30
N GLU A 10 -27.82 29.56 24.12
CA GLU A 10 -27.89 30.05 25.53
C GLU A 10 -26.66 29.53 26.32
N ASP A 11 -26.17 28.33 26.05
CA ASP A 11 -24.92 27.81 26.65
C ASP A 11 -23.74 28.71 26.22
N LEU A 12 -23.69 29.11 24.95
CA LEU A 12 -22.56 29.92 24.44
C LEU A 12 -22.63 31.32 25.05
N LEU A 13 -23.83 31.90 25.17
CA LEU A 13 -23.98 33.25 25.82
C LEU A 13 -23.50 33.15 27.28
N ARG A 14 -23.83 32.06 27.96
CA ARG A 14 -23.40 31.79 29.37
C ARG A 14 -21.86 31.72 29.36
N CYS A 15 -21.27 31.03 28.38
CA CYS A 15 -19.80 30.95 28.21
C CYS A 15 -19.22 32.38 28.07
N SER A 16 -19.89 33.26 27.33
CA SER A 16 -19.43 34.63 27.04
C SER A 16 -19.43 35.49 28.32
N ARG A 17 -20.25 35.14 29.32
CA ARG A 17 -20.31 35.86 30.61
C ARG A 17 -19.33 35.24 31.61
N GLY A 18 -18.62 34.17 31.25
CA GLY A 18 -17.62 33.52 32.12
C GLY A 18 -18.26 32.48 33.03
N GLU A 19 -19.54 32.17 32.81
CA GLU A 19 -20.35 31.30 33.71
C GLU A 19 -20.35 29.85 33.21
N LEU A 20 -19.70 29.51 32.10
CA LEU A 20 -19.59 28.07 31.69
C LEU A 20 -18.30 27.49 32.26
N PHE A 21 -17.14 28.12 32.04
CA PHE A 21 -15.82 27.56 32.48
C PHE A 21 -15.30 28.30 33.72
N GLY A 22 -15.98 29.35 34.18
CA GLY A 22 -15.64 30.07 35.42
C GLY A 22 -14.83 31.33 35.11
N PRO A 23 -14.80 32.32 36.03
CA PRO A 23 -14.06 33.55 35.78
C PRO A 23 -12.54 33.25 35.66
N GLY A 24 -11.86 34.01 34.80
CA GLY A 24 -10.43 33.86 34.51
C GLY A 24 -10.15 32.71 33.54
N ASN A 25 -11.19 32.03 33.05
CA ASN A 25 -11.03 30.86 32.15
C ASN A 25 -11.54 31.26 30.77
N ALA A 26 -11.37 30.39 29.77
CA ALA A 26 -11.65 30.69 28.34
C ALA A 26 -13.10 31.18 28.23
N GLN A 27 -13.30 32.23 27.48
CA GLN A 27 -14.61 32.89 27.28
C GLN A 27 -14.77 33.02 25.78
N LEU A 28 -15.94 32.69 25.27
CA LEU A 28 -16.35 33.16 23.93
C LEU A 28 -16.61 34.66 24.02
N PRO A 29 -16.50 35.37 22.89
CA PRO A 29 -16.95 36.74 22.83
C PRO A 29 -18.49 36.76 22.99
N ALA A 30 -19.04 37.87 23.43
CA ALA A 30 -20.50 38.16 23.39
C ALA A 30 -20.83 38.76 22.03
N PRO A 31 -22.11 38.87 21.64
CA PRO A 31 -22.48 39.63 20.44
C PRO A 31 -21.95 41.06 20.60
N ASN A 32 -21.43 41.68 19.54
CA ASN A 32 -21.56 41.24 18.16
C ASN A 32 -20.28 40.57 17.62
N MET A 33 -19.35 40.14 18.48
CA MET A 33 -18.12 39.43 18.03
C MET A 33 -18.32 37.91 18.05
N LEU A 34 -19.39 37.41 18.69
CA LEU A 34 -19.65 35.93 18.76
C LEU A 34 -20.01 35.48 17.35
N MET A 35 -19.30 34.50 16.77
CA MET A 35 -19.54 34.09 15.36
C MET A 35 -20.03 32.64 15.28
N ILE A 36 -20.60 32.16 16.39
CA ILE A 36 -21.16 30.79 16.55
C ILE A 36 -22.55 30.92 17.19
N ASP A 37 -23.54 30.17 16.68
CA ASP A 37 -24.88 30.01 17.31
C ASP A 37 -24.92 28.72 18.13
N ARG A 38 -24.32 27.63 17.65
CA ARG A 38 -24.41 26.34 18.37
C ARG A 38 -23.16 25.50 18.10
N ILE A 39 -22.76 24.74 19.12
CA ILE A 39 -21.77 23.66 18.93
C ILE A 39 -22.56 22.35 18.83
N VAL A 40 -22.60 21.81 17.60
CA VAL A 40 -23.32 20.56 17.24
C VAL A 40 -22.59 19.37 17.83
N HIS A 41 -21.26 19.41 17.88
CA HIS A 41 -20.41 18.25 18.30
C HIS A 41 -19.08 18.77 18.81
N ILE A 42 -18.65 18.26 19.95
CA ILE A 42 -17.27 18.45 20.47
C ILE A 42 -16.91 17.14 21.16
N SER A 43 -15.67 16.69 20.91
CA SER A 43 -15.08 15.45 21.46
C SER A 43 -13.57 15.64 21.54
N ASP A 44 -12.91 14.93 22.44
CA ASP A 44 -11.43 14.92 22.57
C ASP A 44 -10.84 13.64 21.97
N VAL A 45 -11.64 12.86 21.24
CA VAL A 45 -11.18 11.68 20.46
C VAL A 45 -11.77 11.81 19.05
N GLY A 46 -11.27 11.01 18.12
CA GLY A 46 -11.70 11.09 16.72
C GLY A 46 -11.13 12.35 16.07
N GLY A 47 -11.84 12.83 15.05
CA GLY A 47 -11.37 13.89 14.14
C GLY A 47 -10.18 13.44 13.30
N LYS A 48 -9.70 14.33 12.43
CA LYS A 48 -8.68 14.00 11.39
C LYS A 48 -7.40 13.43 12.02
N TYR A 49 -7.08 13.77 13.25
CA TYR A 49 -5.77 13.41 13.85
C TYR A 49 -5.96 12.57 15.12
N GLY A 50 -7.18 12.13 15.43
CA GLY A 50 -7.43 11.29 16.62
C GLY A 50 -7.42 12.08 17.93
N LYS A 51 -7.38 13.41 17.87
CA LYS A 51 -7.22 14.29 19.05
C LYS A 51 -8.48 15.16 19.21
N GLY A 52 -9.57 14.75 18.58
CA GLY A 52 -10.86 15.41 18.75
C GLY A 52 -11.15 16.45 17.70
N GLU A 53 -12.33 17.02 17.82
CA GLU A 53 -13.02 17.70 16.69
C GLU A 53 -14.12 18.58 17.28
N LEU A 54 -14.41 19.69 16.62
CA LEU A 54 -15.63 20.49 16.86
C LEU A 54 -16.35 20.70 15.54
N VAL A 55 -17.68 20.64 15.61
CA VAL A 55 -18.59 21.06 14.52
C VAL A 55 -19.52 22.09 15.13
N ALA A 56 -19.60 23.26 14.51
CA ALA A 56 -20.41 24.39 15.01
C ALA A 56 -21.10 25.06 13.84
N GLU A 57 -22.15 25.82 14.13
CA GLU A 57 -23.01 26.46 13.12
C GLU A 57 -23.27 27.92 13.51
N LEU A 58 -23.40 28.76 12.48
CA LEU A 58 -23.91 30.14 12.55
C LEU A 58 -25.04 30.25 11.52
N ASP A 59 -26.24 30.61 11.97
CA ASP A 59 -27.40 30.91 11.08
C ASP A 59 -27.15 32.26 10.41
N ILE A 60 -27.46 32.32 9.12
CA ILE A 60 -27.32 33.53 8.28
C ILE A 60 -28.72 34.08 7.98
N ASN A 61 -28.90 35.38 8.11
CA ASN A 61 -30.11 36.07 7.60
C ASN A 61 -29.63 37.43 7.12
N PRO A 62 -30.38 38.10 6.22
CA PRO A 62 -29.92 39.35 5.61
C PRO A 62 -29.74 40.54 6.59
N ASP A 63 -30.18 40.42 7.83
CA ASP A 63 -30.21 41.55 8.81
C ASP A 63 -28.99 41.48 9.73
N LEU A 64 -28.13 40.46 9.64
CA LEU A 64 -26.90 40.39 10.48
C LEU A 64 -26.09 41.67 10.23
N TRP A 65 -25.59 42.28 11.30
CA TRP A 65 -25.00 43.64 11.31
C TRP A 65 -23.90 43.77 10.24
N PHE A 66 -23.09 42.73 10.03
CA PHE A 66 -21.86 42.89 9.20
C PHE A 66 -22.22 43.04 7.71
N PHE A 67 -23.44 42.72 7.28
CA PHE A 67 -23.79 42.79 5.83
C PHE A 67 -23.92 44.25 5.37
N ALA A 68 -24.51 45.13 6.19
CA ALA A 68 -24.82 46.53 5.85
C ALA A 68 -23.52 47.33 5.68
N CYS A 69 -22.49 47.10 6.51
CA CYS A 69 -21.22 47.90 6.46
C CYS A 69 -20.13 47.21 5.62
N HIS A 70 -20.37 45.98 5.15
CA HIS A 70 -19.28 45.15 4.55
C HIS A 70 -19.78 44.32 3.38
N PHE A 71 -19.86 44.90 2.18
CA PHE A 71 -19.65 46.32 1.88
C PHE A 71 -20.98 46.96 1.46
N GLU A 72 -21.07 48.28 1.51
CA GLU A 72 -22.29 49.02 1.06
C GLU A 72 -22.56 48.69 -0.40
N GLY A 73 -23.74 48.11 -0.70
CA GLY A 73 -24.13 47.70 -2.06
C GLY A 73 -23.49 46.39 -2.50
N ASP A 74 -22.72 45.73 -1.62
CA ASP A 74 -21.97 44.48 -1.96
C ASP A 74 -21.79 43.70 -0.67
N PRO A 75 -22.90 43.22 -0.05
CA PRO A 75 -22.83 42.55 1.24
C PRO A 75 -22.11 41.20 1.16
N VAL A 76 -21.21 40.96 2.10
CA VAL A 76 -20.48 39.66 2.22
C VAL A 76 -19.96 39.53 3.66
N MET A 77 -20.20 38.39 4.29
CA MET A 77 -19.67 38.18 5.66
C MET A 77 -18.16 38.36 5.63
N PRO A 78 -17.58 39.22 6.48
CA PRO A 78 -16.12 39.38 6.53
C PRO A 78 -15.43 38.02 6.70
N GLY A 79 -14.44 37.74 5.84
CA GLY A 79 -13.57 36.56 5.96
C GLY A 79 -12.94 36.49 7.35
N CYS A 80 -12.52 37.65 7.89
CA CYS A 80 -11.84 37.71 9.20
C CYS A 80 -12.76 37.17 10.31
N LEU A 81 -14.07 37.26 10.17
CA LEU A 81 -15.03 36.83 11.23
C LEU A 81 -15.23 35.32 11.16
N GLY A 82 -15.23 34.73 9.97
CA GLY A 82 -15.26 33.27 9.81
C GLY A 82 -13.97 32.64 10.34
N LEU A 83 -12.84 33.27 10.06
CA LEU A 83 -11.54 32.86 10.62
C LEU A 83 -11.63 32.99 12.14
N ASP A 84 -12.21 34.08 12.65
CA ASP A 84 -12.26 34.29 14.12
C ASP A 84 -13.11 33.21 14.77
N ALA A 85 -14.19 32.77 14.14
CA ALA A 85 -15.02 31.65 14.65
C ALA A 85 -14.14 30.44 14.93
N MET A 86 -13.18 30.17 14.05
CA MET A 86 -12.31 28.98 14.21
C MET A 86 -11.39 29.16 15.42
N TRP A 87 -10.81 30.34 15.61
CA TRP A 87 -10.06 30.67 16.86
C TRP A 87 -10.98 30.57 18.08
N GLN A 88 -12.22 31.07 17.99
CA GLN A 88 -13.21 31.04 19.11
C GLN A 88 -13.42 29.56 19.50
N LEU A 89 -13.55 28.66 18.52
CA LEU A 89 -13.82 27.23 18.78
C LEU A 89 -12.59 26.54 19.36
N VAL A 90 -11.39 26.83 18.90
CA VAL A 90 -10.17 26.19 19.46
C VAL A 90 -10.03 26.63 20.92
N GLY A 91 -10.30 27.90 21.24
CA GLY A 91 -10.29 28.42 22.61
C GLY A 91 -11.33 27.73 23.47
N PHE A 92 -12.54 27.56 22.93
CA PHE A 92 -13.63 26.81 23.62
C PHE A 92 -13.15 25.39 23.96
N TYR A 93 -12.52 24.71 23.03
CA TYR A 93 -11.98 23.33 23.22
C TYR A 93 -11.03 23.30 24.42
N LEU A 94 -10.08 24.24 24.49
CA LEU A 94 -9.11 24.29 25.62
C LEU A 94 -9.85 24.48 26.95
N GLY A 95 -10.85 25.35 26.98
CA GLY A 95 -11.69 25.58 28.17
C GLY A 95 -12.46 24.33 28.54
N TRP A 96 -13.06 23.69 27.54
CA TRP A 96 -13.89 22.47 27.71
C TRP A 96 -13.06 21.31 28.29
N GLN A 97 -11.78 21.24 27.96
CA GLN A 97 -10.85 20.23 28.52
C GLN A 97 -10.53 20.50 30.00
N GLY A 98 -10.85 21.68 30.52
CA GLY A 98 -10.67 21.98 31.95
C GLY A 98 -9.43 22.81 32.22
N ASN A 99 -8.75 23.32 31.20
CA ASN A 99 -7.54 24.15 31.37
C ASN A 99 -7.94 25.53 31.89
N PRO A 100 -7.15 26.10 32.83
CA PRO A 100 -7.40 27.45 33.32
C PRO A 100 -6.73 28.48 32.40
N GLY A 101 -7.20 29.74 32.50
CA GLY A 101 -6.57 30.94 31.94
C GLY A 101 -7.39 31.54 30.79
N ARG A 102 -6.99 32.76 30.41
CA ARG A 102 -7.67 33.61 29.40
C ARG A 102 -7.16 33.21 28.01
N GLY A 103 -8.08 33.09 27.04
CA GLY A 103 -7.80 32.69 25.66
C GLY A 103 -7.31 33.84 24.81
N ARG A 104 -6.27 33.61 24.01
CA ARG A 104 -5.83 34.51 22.92
C ARG A 104 -5.51 33.67 21.69
N ALA A 105 -6.00 34.07 20.51
CA ALA A 105 -5.47 33.60 19.22
C ALA A 105 -3.97 33.93 19.14
N LEU A 106 -3.13 32.99 18.70
CA LEU A 106 -1.68 33.20 18.51
C LEU A 106 -1.34 33.22 17.01
N GLY A 107 -2.29 32.84 16.16
CA GLY A 107 -2.15 33.00 14.70
C GLY A 107 -2.52 31.74 13.95
N SER A 108 -1.95 31.58 12.74
CA SER A 108 -2.26 30.43 11.87
C SER A 108 -1.15 30.28 10.83
N GLY A 109 -0.99 29.06 10.29
CA GLY A 109 -0.29 28.89 9.01
C GLY A 109 -1.24 29.38 7.92
N GLU A 110 -1.28 28.68 6.83
CA GLU A 110 -1.96 29.16 5.62
C GLU A 110 -3.48 29.29 5.84
N VAL A 111 -4.02 30.46 5.50
CA VAL A 111 -5.47 30.72 5.40
C VAL A 111 -5.81 30.99 3.93
N LYS A 112 -6.86 30.34 3.45
CA LYS A 112 -7.38 30.53 2.07
C LYS A 112 -8.88 30.85 2.14
N PHE A 113 -9.27 31.91 1.46
CA PHE A 113 -10.69 32.28 1.23
C PHE A 113 -10.97 32.06 -0.26
N PHE A 114 -11.78 31.05 -0.63
CA PHE A 114 -12.07 30.72 -2.05
C PHE A 114 -13.58 30.67 -2.26
N GLY A 115 -14.35 31.31 -1.40
CA GLY A 115 -15.79 31.51 -1.61
C GLY A 115 -16.33 32.51 -0.60
N GLN A 116 -17.64 32.73 -0.57
CA GLN A 116 -18.18 33.86 0.24
C GLN A 116 -19.55 33.49 0.81
N VAL A 117 -19.88 34.13 1.92
CA VAL A 117 -21.20 34.02 2.60
C VAL A 117 -22.02 35.27 2.21
N LEU A 118 -23.05 35.07 1.39
CA LEU A 118 -23.95 36.17 0.94
C LEU A 118 -25.17 36.20 1.86
N PRO A 119 -25.92 37.31 1.90
CA PRO A 119 -27.10 37.43 2.76
C PRO A 119 -28.24 36.46 2.38
N THR A 120 -28.17 35.82 1.20
CA THR A 120 -29.11 34.73 0.80
C THR A 120 -28.72 33.36 1.37
N ALA A 121 -27.54 33.21 1.97
CA ALA A 121 -27.11 31.90 2.54
C ALA A 121 -27.96 31.59 3.76
N LYS A 122 -28.08 30.32 4.15
CA LYS A 122 -28.88 29.90 5.33
C LYS A 122 -27.96 29.61 6.52
N LYS A 123 -26.84 28.89 6.30
CA LYS A 123 -26.08 28.35 7.44
C LYS A 123 -24.59 28.19 7.09
N VAL A 124 -23.75 28.70 7.99
CA VAL A 124 -22.28 28.50 7.95
C VAL A 124 -21.96 27.37 8.93
N THR A 125 -21.16 26.41 8.50
CA THR A 125 -20.68 25.30 9.38
C THR A 125 -19.15 25.37 9.46
N TYR A 126 -18.65 25.25 10.69
CA TYR A 126 -17.22 25.20 11.04
C TYR A 126 -16.86 23.77 11.44
N ASN A 127 -15.78 23.26 10.85
CA ASN A 127 -15.20 21.94 11.20
C ASN A 127 -13.78 22.22 11.68
N ILE A 128 -13.49 21.86 12.92
CA ILE A 128 -12.15 22.01 13.56
C ILE A 128 -11.60 20.63 13.87
N HIS A 129 -10.40 20.33 13.38
CA HIS A 129 -9.63 19.10 13.70
C HIS A 129 -8.45 19.46 14.58
N ILE A 130 -8.50 19.10 15.86
CA ILE A 130 -7.40 19.33 16.82
C ILE A 130 -6.20 18.47 16.40
N LYS A 131 -5.05 19.11 16.26
CA LYS A 131 -3.80 18.44 15.78
C LYS A 131 -2.94 18.07 17.02
N ARG A 132 -2.79 18.99 17.96
CA ARG A 132 -1.84 18.83 19.09
C ARG A 132 -2.25 19.81 20.18
N THR A 133 -2.16 19.41 21.44
CA THR A 133 -2.20 20.30 22.63
C THR A 133 -0.85 20.16 23.36
N ILE A 134 -0.25 21.28 23.76
CA ILE A 134 1.16 21.42 24.21
C ILE A 134 1.16 22.15 25.56
N LEU A 138 3.11 27.92 27.95
CA LEU A 138 1.66 27.99 28.26
C LEU A 138 0.93 26.80 27.59
N VAL A 139 -0.33 26.59 27.95
CA VAL A 139 -1.22 25.61 27.28
C VAL A 139 -1.64 26.19 25.91
N LEU A 140 -1.39 25.48 24.83
CA LEU A 140 -1.91 25.90 23.51
C LEU A 140 -2.36 24.68 22.69
N ALA A 141 -3.24 24.96 21.76
CA ALA A 141 -3.82 23.98 20.82
C ALA A 141 -3.48 24.46 19.41
N ILE A 142 -3.13 23.50 18.57
CA ILE A 142 -2.93 23.67 17.12
C ILE A 142 -4.03 22.86 16.45
N ALA A 143 -4.69 23.44 15.45
CA ALA A 143 -5.83 22.81 14.77
C ALA A 143 -5.85 23.20 13.29
N ASP A 144 -6.50 22.37 12.48
CA ASP A 144 -6.88 22.75 11.09
C ASP A 144 -8.39 22.98 11.13
N GLY A 145 -8.86 23.85 10.25
CA GLY A 145 -10.28 24.20 10.21
C GLY A 145 -10.77 24.47 8.80
N THR A 146 -12.07 24.23 8.58
CA THR A 146 -12.78 24.67 7.36
C THR A 146 -14.01 25.47 7.75
N VAL A 147 -14.36 26.40 6.88
CA VAL A 147 -15.66 27.09 6.90
C VAL A 147 -16.40 26.69 5.63
N SER A 148 -17.66 26.34 5.79
CA SER A 148 -18.55 25.86 4.70
C SER A 148 -19.83 26.69 4.76
N VAL A 149 -20.42 26.98 3.59
CA VAL A 149 -21.74 27.64 3.57
C VAL A 149 -22.70 26.75 2.77
N ASP A 150 -23.78 26.33 3.43
CA ASP A 150 -24.82 25.47 2.80
C ASP A 150 -24.15 24.30 2.07
N GLY A 151 -23.21 23.60 2.69
CA GLY A 151 -22.57 22.37 2.14
C GLY A 151 -21.26 22.62 1.37
N ARG A 152 -20.98 23.85 0.97
CA ARG A 152 -19.82 24.19 0.11
C ARG A 152 -18.68 24.70 0.98
N GLU A 153 -17.53 24.01 0.95
CA GLU A 153 -16.32 24.49 1.65
C GLU A 153 -15.88 25.79 0.99
N ILE A 154 -15.62 26.84 1.77
CA ILE A 154 -15.23 28.16 1.17
C ILE A 154 -13.91 28.69 1.77
N TYR A 155 -13.57 28.34 3.01
CA TYR A 155 -12.29 28.76 3.65
C TYR A 155 -11.60 27.52 4.20
N SER A 156 -10.27 27.57 4.25
CA SER A 156 -9.44 26.58 4.97
C SER A 156 -8.37 27.35 5.76
N ALA A 157 -8.00 26.79 6.91
CA ALA A 157 -6.93 27.33 7.77
C ALA A 157 -6.11 26.11 8.26
N GLU A 158 -4.79 26.20 8.13
CA GLU A 158 -3.86 25.16 8.62
C GLU A 158 -3.08 25.78 9.78
N GLY A 159 -2.90 25.04 10.87
CA GLY A 159 -2.05 25.49 11.96
C GLY A 159 -2.66 26.65 12.74
N LEU A 160 -3.98 26.68 12.92
CA LEU A 160 -4.61 27.63 13.87
C LEU A 160 -3.98 27.38 15.24
N ARG A 161 -3.59 28.44 15.94
N ARG A 161 -3.59 28.44 15.94
CA ARG A 161 -3.00 28.36 17.30
CA ARG A 161 -3.00 28.36 17.30
C ARG A 161 -3.79 29.25 18.25
C ARG A 161 -3.79 29.25 18.25
N VAL A 162 -4.16 28.72 19.41
CA VAL A 162 -4.79 29.48 20.52
C VAL A 162 -4.07 29.07 21.79
N GLY A 163 -3.76 30.05 22.64
CA GLY A 163 -3.14 29.79 23.96
C GLY A 163 -4.00 30.32 25.08
N LEU A 164 -3.78 29.76 26.28
CA LEU A 164 -4.39 30.24 27.54
C LEU A 164 -3.30 30.85 28.41
N PHE A 165 -3.54 32.04 28.93
CA PHE A 165 -2.60 32.76 29.84
C PHE A 165 -3.16 32.76 31.27
N THR A 166 -2.42 32.13 32.18
CA THR A 166 -2.65 32.19 33.65
C THR A 166 -1.80 33.35 34.20
N SER A 167 -0.70 33.71 33.55
CA SER A 167 0.19 34.83 33.98
C SER A 167 0.88 35.46 32.76
N THR A 168 0.79 36.79 32.60
CA THR A 168 1.41 37.56 31.48
C THR A 168 2.60 38.37 31.98
N ASP A 169 2.93 38.28 33.27
CA ASP A 169 4.06 38.97 33.98
C ASP A 169 5.36 39.00 33.16
N SER A 170 5.75 37.85 32.60
CA SER A 170 7.10 37.60 32.04
C SER A 170 7.15 37.99 30.55
N PHE A 171 6.00 38.22 29.89
CA PHE A 171 5.88 38.51 28.43
C PHE A 171 6.07 40.00 28.13
N THR B 2 -18.06 23.58 -20.01
CA THR B 2 -17.45 24.56 -19.06
C THR B 2 -18.47 25.66 -18.70
N LYS B 3 -19.50 25.85 -19.52
CA LYS B 3 -20.55 26.87 -19.27
C LYS B 3 -21.50 26.35 -18.19
N GLN B 4 -21.73 25.03 -18.08
CA GLN B 4 -22.75 24.49 -17.13
C GLN B 4 -22.06 24.18 -15.79
N HIS B 5 -22.54 24.74 -14.68
CA HIS B 5 -21.87 24.72 -13.35
C HIS B 5 -22.63 23.86 -12.34
N ALA B 6 -23.75 23.24 -12.73
CA ALA B 6 -24.56 22.37 -11.86
C ALA B 6 -25.21 21.30 -12.72
N PHE B 7 -25.38 20.10 -12.16
CA PHE B 7 -25.94 18.93 -12.87
C PHE B 7 -26.92 18.22 -11.95
N THR B 8 -28.09 17.91 -12.49
CA THR B 8 -29.21 17.22 -11.80
C THR B 8 -28.94 15.72 -11.85
N ARG B 9 -29.71 14.95 -11.08
CA ARG B 9 -29.62 13.48 -11.12
C ARG B 9 -29.82 13.01 -12.56
N GLU B 10 -30.77 13.59 -13.29
CA GLU B 10 -31.07 13.14 -14.68
C GLU B 10 -29.86 13.44 -15.59
N ASP B 11 -29.15 14.54 -15.37
CA ASP B 11 -27.88 14.85 -16.09
C ASP B 11 -26.86 13.75 -15.78
N LEU B 12 -26.76 13.31 -14.51
CA LEU B 12 -25.74 12.30 -14.10
C LEU B 12 -26.12 10.95 -14.72
N LEU B 13 -27.41 10.58 -14.74
CA LEU B 13 -27.83 9.30 -15.36
C LEU B 13 -27.49 9.33 -16.85
N ARG B 14 -27.71 10.48 -17.50
CA ARG B 14 -27.37 10.68 -18.94
C ARG B 14 -25.86 10.49 -19.09
N CYS B 15 -25.06 11.06 -18.18
CA CYS B 15 -23.59 10.89 -18.15
C CYS B 15 -23.25 9.39 -18.04
N SER B 16 -23.98 8.62 -17.24
CA SER B 16 -23.72 7.18 -17.00
C SER B 16 -23.97 6.37 -18.28
N ARG B 17 -24.82 6.86 -19.19
CA ARG B 17 -25.12 6.18 -20.48
C ARG B 17 -24.17 6.65 -21.57
N GLY B 18 -23.27 7.59 -21.28
CA GLY B 18 -22.28 8.11 -22.25
C GLY B 18 -22.84 9.24 -23.10
N GLU B 19 -24.02 9.74 -22.76
CA GLU B 19 -24.77 10.74 -23.56
C GLU B 19 -24.53 12.17 -23.05
N LEU B 20 -23.73 12.39 -22.01
CA LEU B 20 -23.39 13.78 -21.59
C LEU B 20 -22.08 14.18 -22.28
N PHE B 21 -21.03 13.36 -22.20
CA PHE B 21 -19.71 13.73 -22.79
C PHE B 21 -19.46 13.00 -24.12
N GLY B 22 -20.34 12.07 -24.51
CA GLY B 22 -20.28 11.41 -25.83
C GLY B 22 -19.54 10.09 -25.79
N PRO B 23 -19.66 9.23 -26.83
CA PRO B 23 -19.08 7.89 -26.79
C PRO B 23 -17.55 7.97 -26.71
N GLY B 24 -16.94 7.04 -25.97
CA GLY B 24 -15.48 6.97 -25.72
C GLY B 24 -15.00 7.98 -24.68
N ASN B 25 -15.90 8.77 -24.07
CA ASN B 25 -15.50 9.82 -23.10
C ASN B 25 -15.97 9.42 -21.69
N ALA B 26 -15.59 10.22 -20.68
CA ALA B 26 -15.77 9.90 -19.26
C ALA B 26 -17.24 9.53 -19.00
N GLN B 27 -17.46 8.47 -18.24
CA GLN B 27 -18.79 8.05 -17.80
C GLN B 27 -18.78 7.96 -16.28
N LEU B 28 -19.80 8.49 -15.61
CA LEU B 28 -20.15 8.07 -14.24
C LEU B 28 -20.67 6.64 -14.27
N PRO B 29 -20.57 5.91 -13.15
CA PRO B 29 -21.28 4.66 -13.00
C PRO B 29 -22.79 4.91 -13.00
N ALA B 30 -23.57 3.90 -13.38
CA ALA B 30 -25.03 3.85 -13.18
C ALA B 30 -25.28 3.28 -11.78
N PRO B 31 -26.53 3.40 -11.24
CA PRO B 31 -26.90 2.71 -10.00
C PRO B 31 -26.66 1.22 -10.20
N ASN B 32 -26.14 0.49 -9.19
CA ASN B 32 -26.06 0.92 -7.81
C ASN B 32 -24.63 1.35 -7.41
N MET B 33 -23.74 1.62 -8.37
CA MET B 33 -22.35 2.08 -8.06
C MET B 33 -22.30 3.61 -8.07
N LEU B 34 -23.33 4.30 -8.59
CA LEU B 34 -23.34 5.78 -8.64
C LEU B 34 -23.49 6.26 -7.19
N MET B 35 -22.56 7.10 -6.71
CA MET B 35 -22.56 7.51 -5.27
C MET B 35 -22.77 9.03 -5.17
N ILE B 36 -23.36 9.61 -6.22
CA ILE B 36 -23.71 11.05 -6.34
C ILE B 36 -25.16 11.14 -6.83
N ASP B 37 -25.96 12.03 -6.24
CA ASP B 37 -27.33 12.41 -6.73
C ASP B 37 -27.24 13.70 -7.55
N ARG B 38 -26.42 14.67 -7.16
CA ARG B 38 -26.36 15.95 -7.91
C ARG B 38 -24.97 16.59 -7.74
N ILE B 39 -24.53 17.28 -8.78
CA ILE B 39 -23.38 18.19 -8.67
C ILE B 39 -23.94 19.61 -8.49
N VAL B 40 -23.79 20.12 -7.27
CA VAL B 40 -24.29 21.43 -6.81
C VAL B 40 -23.45 22.52 -7.49
N HIS B 41 -22.16 22.31 -7.64
CA HIS B 41 -21.24 23.31 -8.22
C HIS B 41 -19.99 22.64 -8.78
N ILE B 42 -19.59 23.06 -9.98
CA ILE B 42 -18.30 22.66 -10.61
C ILE B 42 -17.76 23.90 -11.32
N SER B 43 -16.48 24.15 -11.17
CA SER B 43 -15.71 25.25 -11.79
C SER B 43 -14.27 24.77 -12.00
N ASP B 44 -13.56 25.32 -12.99
CA ASP B 44 -12.13 24.95 -13.19
C ASP B 44 -11.27 26.16 -12.89
N VAL B 45 -11.80 27.19 -12.22
CA VAL B 45 -10.96 28.34 -11.77
C VAL B 45 -11.22 28.59 -10.28
N GLY B 46 -10.30 29.32 -9.65
CA GLY B 46 -10.36 29.62 -8.19
C GLY B 46 -10.17 28.35 -7.40
N GLY B 47 -10.94 28.15 -6.32
CA GLY B 47 -10.77 26.99 -5.43
C GLY B 47 -9.46 27.12 -4.67
N LYS B 48 -9.13 26.10 -3.89
CA LYS B 48 -7.95 26.08 -2.99
C LYS B 48 -6.67 26.28 -3.82
N TYR B 49 -6.60 25.74 -5.04
CA TYR B 49 -5.31 25.64 -5.76
C TYR B 49 -5.39 26.31 -7.13
N GLY B 50 -6.42 27.10 -7.39
CA GLY B 50 -6.54 27.83 -8.68
C GLY B 50 -7.07 26.97 -9.81
N LYS B 51 -7.49 25.72 -9.55
CA LYS B 51 -7.98 24.79 -10.60
C LYS B 51 -9.45 24.45 -10.33
N GLY B 52 -10.11 25.20 -9.46
CA GLY B 52 -11.55 25.03 -9.22
C GLY B 52 -11.85 23.92 -8.22
N GLU B 53 -13.08 23.42 -8.28
CA GLU B 53 -13.63 22.53 -7.26
C GLU B 53 -14.93 21.91 -7.77
N LEU B 54 -15.35 20.85 -7.09
CA LEU B 54 -16.70 20.28 -7.19
C LEU B 54 -17.31 20.21 -5.79
N VAL B 55 -18.59 20.52 -5.73
CA VAL B 55 -19.47 20.21 -4.57
C VAL B 55 -20.59 19.34 -5.11
N ALA B 56 -20.79 18.19 -4.49
CA ALA B 56 -21.83 17.23 -4.90
C ALA B 56 -22.50 16.65 -3.67
N GLU B 57 -23.67 16.05 -3.86
CA GLU B 57 -24.49 15.51 -2.74
C GLU B 57 -25.00 14.12 -3.09
N LEU B 58 -25.17 13.31 -2.06
CA LEU B 58 -25.89 12.02 -2.06
C LEU B 58 -26.92 12.07 -0.93
N ASP B 59 -28.19 11.90 -1.27
CA ASP B 59 -29.32 11.78 -0.30
C ASP B 59 -29.22 10.41 0.38
N ILE B 60 -29.43 10.39 1.68
CA ILE B 60 -29.40 9.15 2.52
C ILE B 60 -30.82 8.84 2.99
N ASN B 61 -31.22 7.58 2.94
CA ASN B 61 -32.43 7.09 3.63
C ASN B 61 -32.10 5.69 4.11
N PRO B 62 -32.83 5.17 5.12
CA PRO B 62 -32.50 3.88 5.71
C PRO B 62 -32.61 2.66 4.78
N ASP B 63 -33.19 2.80 3.58
CA ASP B 63 -33.47 1.68 2.66
C ASP B 63 -32.38 1.56 1.60
N LEU B 64 -31.37 2.45 1.56
CA LEU B 64 -30.27 2.32 0.58
C LEU B 64 -29.64 0.93 0.72
N TRP B 65 -29.38 0.26 -0.42
CA TRP B 65 -28.98 -1.17 -0.47
C TRP B 65 -27.79 -1.46 0.45
N PHE B 66 -26.81 -0.57 0.55
CA PHE B 66 -25.53 -0.91 1.24
C PHE B 66 -25.73 -1.01 2.77
N PHE B 67 -26.85 -0.54 3.33
CA PHE B 67 -27.05 -0.56 4.80
C PHE B 67 -27.33 -1.98 5.29
N ALA B 68 -28.14 -2.75 4.56
CA ALA B 68 -28.61 -4.10 4.98
C ALA B 68 -27.43 -5.08 5.06
N CYS B 69 -26.49 -5.03 4.12
CA CYS B 69 -25.35 -6.00 4.02
C CYS B 69 -24.08 -5.47 4.71
N HIS B 70 -24.07 -4.22 5.19
CA HIS B 70 -22.81 -3.58 5.66
C HIS B 70 -23.08 -2.69 6.87
N PHE B 71 -23.10 -3.26 8.07
CA PHE B 71 -23.06 -4.69 8.36
C PHE B 71 -24.41 -5.13 8.95
N GLU B 72 -24.69 -6.44 8.95
CA GLU B 72 -25.96 -6.98 9.51
C GLU B 72 -26.04 -6.60 10.99
N GLY B 73 -27.09 -5.86 11.38
CA GLY B 73 -27.31 -5.36 12.75
C GLY B 73 -26.40 -4.20 13.13
N ASP B 74 -25.63 -3.66 12.18
CA ASP B 74 -24.67 -2.54 12.42
C ASP B 74 -24.52 -1.77 11.10
N PRO B 75 -25.60 -1.16 10.59
CA PRO B 75 -25.58 -0.49 9.29
C PRO B 75 -24.66 0.75 9.28
N VAL B 76 -23.83 0.86 8.24
CA VAL B 76 -22.93 2.02 8.02
C VAL B 76 -22.57 2.08 6.53
N MET B 77 -22.67 3.24 5.90
CA MET B 77 -22.29 3.36 4.49
C MET B 77 -20.83 2.93 4.37
N PRO B 78 -20.50 2.00 3.44
CA PRO B 78 -19.11 1.63 3.23
C PRO B 78 -18.23 2.86 2.97
N GLY B 79 -17.11 2.96 3.69
CA GLY B 79 -16.10 4.00 3.47
C GLY B 79 -15.63 3.99 2.03
N CYS B 80 -15.45 2.81 1.46
CA CYS B 80 -14.93 2.63 0.08
C CYS B 80 -15.87 3.31 -0.93
N LEU B 81 -17.18 3.42 -0.64
CA LEU B 81 -18.13 4.00 -1.62
C LEU B 81 -18.10 5.52 -1.54
N GLY B 82 -17.88 6.10 -0.36
CA GLY B 82 -17.65 7.55 -0.22
C GLY B 82 -16.36 7.97 -0.91
N LEU B 83 -15.30 7.18 -0.71
CA LEU B 83 -14.01 7.37 -1.42
C LEU B 83 -14.29 7.27 -2.93
N ASP B 84 -15.07 6.27 -3.36
CA ASP B 84 -15.34 6.11 -4.82
C ASP B 84 -16.07 7.32 -5.39
N ALA B 85 -17.00 7.92 -4.65
CA ALA B 85 -17.66 9.16 -5.09
C ALA B 85 -16.61 10.22 -5.44
N MET B 86 -15.53 10.30 -4.68
CA MET B 86 -14.50 11.36 -4.91
C MET B 86 -13.77 11.04 -6.25
N TRP B 87 -13.43 9.78 -6.50
CA TRP B 87 -12.89 9.35 -7.82
C TRP B 87 -13.91 9.62 -8.95
N GLN B 88 -15.20 9.33 -8.71
CA GLN B 88 -16.28 9.56 -9.72
C GLN B 88 -16.28 11.04 -10.09
N LEU B 89 -16.14 11.93 -9.11
CA LEU B 89 -16.21 13.40 -9.33
C LEU B 89 -14.95 13.89 -10.07
N VAL B 90 -13.77 13.38 -9.74
CA VAL B 90 -12.53 13.84 -10.44
C VAL B 90 -12.62 13.39 -11.91
N GLY B 91 -13.14 12.20 -12.18
CA GLY B 91 -13.36 11.70 -13.55
C GLY B 91 -14.35 12.58 -14.29
N PHE B 92 -15.45 12.96 -13.62
CA PHE B 92 -16.47 13.86 -14.19
C PHE B 92 -15.80 15.18 -14.60
N TYR B 93 -14.99 15.75 -13.71
CA TYR B 93 -14.27 17.02 -13.97
C TYR B 93 -13.45 16.91 -15.26
N LEU B 94 -12.67 15.84 -15.43
CA LEU B 94 -11.82 15.69 -16.65
C LEU B 94 -12.71 15.66 -17.90
N GLY B 95 -13.83 14.93 -17.86
CA GLY B 95 -14.81 14.88 -18.96
C GLY B 95 -15.42 16.26 -19.23
N TRP B 96 -15.80 16.96 -18.17
CA TRP B 96 -16.45 18.28 -18.22
C TRP B 96 -15.52 19.31 -18.88
N GLN B 97 -14.21 19.18 -18.68
CA GLN B 97 -13.22 20.09 -19.32
C GLN B 97 -13.13 19.83 -20.83
N GLY B 98 -13.65 18.71 -21.34
CA GLY B 98 -13.63 18.43 -22.78
C GLY B 98 -12.49 17.51 -23.18
N ASN B 99 -11.82 16.84 -22.23
CA ASN B 99 -10.79 15.82 -22.54
C ASN B 99 -11.47 14.56 -23.10
N PRO B 100 -10.86 13.89 -24.09
CA PRO B 100 -11.38 12.60 -24.56
C PRO B 100 -10.88 11.45 -23.68
N GLY B 101 -11.59 10.32 -23.69
CA GLY B 101 -11.13 9.03 -23.14
C GLY B 101 -11.96 8.55 -21.96
N ARG B 102 -11.80 7.25 -21.64
CA ARG B 102 -12.53 6.57 -20.56
C ARG B 102 -11.75 6.76 -19.23
N GLY B 103 -12.48 6.99 -18.15
CA GLY B 103 -11.93 7.28 -16.81
C GLY B 103 -11.57 6.01 -16.06
N ARG B 104 -10.42 6.05 -15.38
CA ARG B 104 -10.03 5.04 -14.35
C ARG B 104 -9.43 5.76 -13.16
N ALA B 105 -9.83 5.37 -11.95
CA ALA B 105 -9.12 5.76 -10.71
C ALA B 105 -7.71 5.17 -10.76
N LEU B 106 -6.69 5.95 -10.42
CA LEU B 106 -5.28 5.50 -10.39
C LEU B 106 -4.81 5.40 -8.94
N GLY B 107 -5.59 5.90 -7.97
CA GLY B 107 -5.31 5.72 -6.55
C GLY B 107 -5.38 7.01 -5.76
N SER B 108 -4.65 7.08 -4.66
CA SER B 108 -4.68 8.23 -3.72
C SER B 108 -3.47 8.18 -2.82
N GLY B 109 -3.04 9.34 -2.31
CA GLY B 109 -2.20 9.37 -1.10
C GLY B 109 -3.09 9.03 0.09
N GLU B 110 -2.87 9.71 1.19
CA GLU B 110 -3.49 9.37 2.48
C GLU B 110 -5.03 9.47 2.40
N VAL B 111 -5.71 8.42 2.83
CA VAL B 111 -7.16 8.41 3.11
C VAL B 111 -7.35 8.21 4.61
N LYS B 112 -8.24 9.02 5.22
CA LYS B 112 -8.64 8.90 6.64
C LYS B 112 -10.15 8.83 6.72
N PHE B 113 -10.64 7.82 7.43
CA PHE B 113 -12.07 7.69 7.82
C PHE B 113 -12.14 7.95 9.33
N PHE B 114 -12.75 9.07 9.75
CA PHE B 114 -12.80 9.46 11.18
C PHE B 114 -14.27 9.73 11.57
N GLY B 115 -15.22 9.22 10.80
CA GLY B 115 -16.65 9.27 11.16
C GLY B 115 -17.46 8.38 10.27
N GLN B 116 -18.78 8.41 10.37
CA GLN B 116 -19.61 7.43 9.62
C GLN B 116 -20.93 8.04 9.18
N VAL B 117 -21.44 7.50 8.08
CA VAL B 117 -22.79 7.77 7.56
C VAL B 117 -23.72 6.65 8.07
N LEU B 118 -24.63 7.01 8.96
CA LEU B 118 -25.62 6.07 9.56
C LEU B 118 -26.90 6.17 8.75
N PRO B 119 -27.79 5.15 8.82
CA PRO B 119 -29.07 5.19 8.09
C PRO B 119 -30.01 6.33 8.50
N THR B 120 -29.76 6.96 9.66
CA THR B 120 -30.53 8.14 10.15
C THR B 120 -29.98 9.46 9.59
N ALA B 121 -28.85 9.46 8.87
CA ALA B 121 -28.31 10.69 8.23
C ALA B 121 -29.27 11.13 7.12
N LYS B 122 -29.23 12.40 6.71
CA LYS B 122 -30.05 12.94 5.60
C LYS B 122 -29.22 13.10 4.32
N LYS B 123 -27.98 13.60 4.42
CA LYS B 123 -27.24 14.05 3.21
C LYS B 123 -25.73 13.98 3.39
N VAL B 124 -25.07 13.36 2.42
CA VAL B 124 -23.59 13.34 2.31
C VAL B 124 -23.19 14.42 1.31
N THR B 125 -22.21 15.25 1.67
CA THR B 125 -21.68 16.29 0.76
C THR B 125 -20.19 15.99 0.50
N TYR B 126 -19.80 16.05 -0.77
CA TYR B 126 -18.42 15.86 -1.26
C TYR B 126 -17.88 17.22 -1.68
N ASN B 127 -16.71 17.58 -1.17
CA ASN B 127 -15.98 18.81 -1.56
C ASN B 127 -14.64 18.36 -2.14
N ILE B 128 -14.43 18.62 -3.44
CA ILE B 128 -13.23 18.16 -4.20
C ILE B 128 -12.46 19.39 -4.67
N HIS B 129 -11.19 19.49 -4.29
CA HIS B 129 -10.31 20.62 -4.66
C HIS B 129 -9.26 20.08 -5.65
N ILE B 130 -9.38 20.47 -6.92
CA ILE B 130 -8.45 20.04 -8.00
C ILE B 130 -7.12 20.73 -7.74
N LYS B 131 -6.06 19.94 -7.69
CA LYS B 131 -4.67 20.40 -7.36
C LYS B 131 -3.90 20.66 -8.65
N ARG B 132 -3.98 19.76 -9.61
CA ARG B 132 -3.19 19.81 -10.87
C ARG B 132 -3.87 18.93 -11.91
N THR B 133 -3.81 19.31 -13.19
CA THR B 133 -4.07 18.43 -14.35
C THR B 133 -2.77 18.33 -15.18
N ILE B 134 -2.41 17.12 -15.62
CA ILE B 134 -1.05 16.72 -16.09
C ILE B 134 -1.21 15.95 -17.40
N ASN B 135 -0.20 15.99 -18.28
CA ASN B 135 0.01 15.08 -19.45
C ASN B 135 1.23 14.13 -19.26
N ARG B 136 1.14 13.22 -18.28
CA ARG B 136 2.23 12.34 -17.79
C ARG B 136 1.98 10.92 -18.31
N SER B 137 2.04 10.70 -19.64
CA SER B 137 1.71 9.41 -20.29
C SER B 137 0.24 9.44 -20.78
N LEU B 138 -0.66 10.08 -20.02
CA LEU B 138 -2.11 10.25 -20.32
C LEU B 138 -2.58 11.56 -19.67
N VAL B 139 -3.84 11.95 -19.87
CA VAL B 139 -4.45 13.09 -19.12
C VAL B 139 -4.81 12.57 -17.72
N LEU B 140 -4.36 13.24 -16.66
CA LEU B 140 -4.82 12.88 -15.30
C LEU B 140 -4.99 14.13 -14.43
N ALA B 141 -5.81 13.97 -13.41
CA ALA B 141 -6.11 15.02 -12.41
C ALA B 141 -5.69 14.49 -11.05
N ILE B 142 -5.10 15.37 -10.26
CA ILE B 142 -4.78 15.12 -8.83
C ILE B 142 -5.65 16.07 -8.01
N ALA B 143 -6.28 15.59 -6.94
CA ALA B 143 -7.23 16.38 -6.13
C ALA B 143 -7.15 15.97 -4.67
N ASP B 144 -7.53 16.88 -3.78
CA ASP B 144 -7.82 16.58 -2.36
C ASP B 144 -9.34 16.61 -2.22
N GLY B 145 -9.86 15.86 -1.26
CA GLY B 145 -11.31 15.76 -1.07
C GLY B 145 -11.68 15.58 0.38
N THR B 146 -12.87 16.04 0.74
CA THR B 146 -13.53 15.72 2.02
C THR B 146 -14.91 15.13 1.74
N VAL B 147 -15.30 14.24 2.62
CA VAL B 147 -16.69 13.75 2.72
C VAL B 147 -17.26 14.27 4.05
N SER B 148 -18.45 14.82 4.00
CA SER B 148 -19.18 15.37 5.16
C SER B 148 -20.56 14.72 5.22
N VAL B 149 -21.10 14.54 6.42
CA VAL B 149 -22.50 14.07 6.59
C VAL B 149 -23.23 15.09 7.47
N ASP B 150 -24.29 15.67 6.91
CA ASP B 150 -25.16 16.67 7.61
C ASP B 150 -24.24 17.74 8.26
N GLY B 151 -23.25 18.28 7.55
CA GLY B 151 -22.40 19.40 8.02
C GLY B 151 -21.08 18.97 8.64
N ARG B 152 -20.95 17.71 9.06
CA ARG B 152 -19.78 17.23 9.81
C ARG B 152 -18.80 16.51 8.87
N GLU B 153 -17.56 16.99 8.78
CA GLU B 153 -16.49 16.31 8.00
C GLU B 153 -16.20 14.96 8.62
N ILE B 154 -16.18 13.88 7.81
CA ILE B 154 -15.90 12.52 8.34
C ILE B 154 -14.76 11.81 7.60
N TYR B 155 -14.48 12.14 6.32
CA TYR B 155 -13.36 11.50 5.58
C TYR B 155 -12.51 12.58 4.92
N SER B 156 -11.21 12.31 4.78
CA SER B 156 -10.29 13.14 3.97
C SER B 156 -9.50 12.22 3.04
N ALA B 157 -9.17 12.73 1.86
CA ALA B 157 -8.29 12.05 0.90
C ALA B 157 -7.35 13.08 0.29
N GLU B 158 -6.06 12.78 0.30
CA GLU B 158 -5.00 13.63 -0.31
C GLU B 158 -4.50 12.89 -1.55
N GLY B 159 -4.34 13.59 -2.65
CA GLY B 159 -3.70 13.04 -3.85
C GLY B 159 -4.58 12.02 -4.53
N LEU B 160 -5.89 12.20 -4.56
CA LEU B 160 -6.77 11.40 -5.46
C LEU B 160 -6.26 11.58 -6.88
N ARG B 161 -6.14 10.49 -7.62
CA ARG B 161 -5.64 10.50 -9.03
C ARG B 161 -6.67 9.74 -9.89
N VAL B 162 -7.05 10.35 -11.01
CA VAL B 162 -7.92 9.73 -12.04
C VAL B 162 -7.29 10.05 -13.39
N GLY B 163 -7.23 9.07 -14.27
CA GLY B 163 -6.73 9.26 -15.64
C GLY B 163 -7.75 8.88 -16.69
N LEU B 164 -7.56 9.41 -17.90
CA LEU B 164 -8.39 9.11 -19.09
C LEU B 164 -7.54 8.32 -20.07
N PHE B 165 -8.08 7.22 -20.57
CA PHE B 165 -7.46 6.32 -21.57
C PHE B 165 -8.18 6.47 -22.91
N THR B 166 -7.45 6.93 -23.92
CA THR B 166 -7.90 6.93 -25.35
C THR B 166 -7.43 5.62 -26.01
N SER B 167 -6.34 5.03 -25.53
CA SER B 167 -5.75 3.76 -26.04
C SER B 167 -4.99 3.04 -24.92
N THR B 168 -5.21 1.74 -24.74
CA THR B 168 -4.55 0.89 -23.70
C THR B 168 -3.46 0.00 -24.32
N ASP B 169 -3.20 0.13 -25.63
CA ASP B 169 -2.36 -0.78 -26.45
C ASP B 169 -0.97 -1.02 -25.82
N SER B 170 -0.36 0.03 -25.29
CA SER B 170 1.05 0.05 -24.85
C SER B 170 1.19 -0.38 -23.37
N PHE B 171 0.09 -0.44 -22.60
CA PHE B 171 0.07 -0.70 -21.13
C PHE B 171 0.04 -2.21 -20.84
N THR C 2 8.82 -3.62 -28.63
CA THR C 2 7.92 -2.84 -27.74
C THR C 2 6.46 -3.11 -28.12
N LYS C 3 6.18 -3.55 -29.37
CA LYS C 3 4.81 -3.97 -29.78
C LYS C 3 4.47 -5.34 -29.16
N GLN C 4 5.44 -6.22 -28.89
CA GLN C 4 5.13 -7.58 -28.34
C GLN C 4 5.16 -7.52 -26.80
N HIS C 5 4.06 -7.91 -26.16
CA HIS C 5 3.83 -7.72 -24.70
C HIS C 5 3.79 -9.08 -23.97
N ALA C 6 3.93 -10.19 -24.68
CA ALA C 6 3.96 -11.56 -24.11
C ALA C 6 4.95 -12.41 -24.90
N PHE C 7 5.63 -13.33 -24.21
CA PHE C 7 6.70 -14.18 -24.78
C PHE C 7 6.51 -15.61 -24.28
N THR C 8 6.55 -16.56 -25.20
CA THR C 8 6.40 -18.01 -24.95
C THR C 8 7.76 -18.55 -24.48
N ARG C 9 7.77 -19.78 -24.01
CA ARG C 9 9.01 -20.50 -23.67
C ARG C 9 9.96 -20.49 -24.88
N GLU C 10 9.42 -20.73 -26.08
CA GLU C 10 10.27 -20.81 -27.30
C GLU C 10 10.89 -19.42 -27.57
N ASP C 11 10.16 -18.32 -27.30
CA ASP C 11 10.71 -16.95 -27.40
C ASP C 11 11.85 -16.78 -26.39
N LEU C 12 11.70 -17.31 -25.18
CA LEU C 12 12.74 -17.11 -24.12
C LEU C 12 13.98 -17.94 -24.51
N LEU C 13 13.80 -19.16 -25.05
CA LEU C 13 14.96 -19.98 -25.49
C LEU C 13 15.69 -19.23 -26.61
N ARG C 14 14.94 -18.59 -27.53
CA ARG C 14 15.49 -17.78 -28.63
C ARG C 14 16.30 -16.64 -28.01
N CYS C 15 15.75 -16.00 -26.99
CA CYS C 15 16.45 -14.92 -26.24
C CYS C 15 17.77 -15.45 -25.66
N SER C 16 17.78 -16.68 -25.14
CA SER C 16 18.97 -17.31 -24.51
C SER C 16 20.09 -17.55 -25.55
N ARG C 17 19.73 -17.71 -26.83
CA ARG C 17 20.69 -17.95 -27.94
C ARG C 17 21.15 -16.60 -28.52
N GLY C 18 20.62 -15.47 -28.06
CA GLY C 18 21.00 -14.13 -28.55
C GLY C 18 20.21 -13.72 -29.78
N GLU C 19 19.21 -14.51 -30.15
CA GLU C 19 18.44 -14.37 -31.41
C GLU C 19 17.10 -13.65 -31.18
N LEU C 20 16.80 -13.14 -29.98
CA LEU C 20 15.58 -12.30 -29.80
C LEU C 20 16.01 -10.84 -29.93
N PHE C 21 17.04 -10.40 -29.20
CA PHE C 21 17.47 -8.98 -29.15
C PHE C 21 18.73 -8.75 -29.99
N GLY C 22 19.34 -9.82 -30.53
CA GLY C 22 20.48 -9.68 -31.45
C GLY C 22 21.83 -9.80 -30.74
N PRO C 23 22.93 -10.02 -31.50
CA PRO C 23 24.23 -10.28 -30.89
C PRO C 23 24.71 -9.04 -30.11
N GLY C 24 25.40 -9.27 -28.99
CA GLY C 24 25.87 -8.23 -28.07
C GLY C 24 24.79 -7.65 -27.17
N ASN C 25 23.55 -8.12 -27.26
CA ASN C 25 22.42 -7.55 -26.46
C ASN C 25 21.98 -8.56 -25.40
N ALA C 26 21.07 -8.16 -24.51
CA ALA C 26 20.70 -8.90 -23.29
C ALA C 26 20.28 -10.31 -23.67
N GLN C 27 20.76 -11.28 -22.90
CA GLN C 27 20.43 -12.70 -23.06
C GLN C 27 19.87 -13.21 -21.73
N LEU C 28 18.78 -13.96 -21.79
CA LEU C 28 18.40 -14.85 -20.69
C LEU C 28 19.40 -16.00 -20.64
N PRO C 29 19.54 -16.65 -19.48
CA PRO C 29 20.28 -17.90 -19.41
C PRO C 29 19.48 -18.96 -20.19
N ALA C 30 20.20 -19.99 -20.67
CA ALA C 30 19.59 -21.24 -21.19
C ALA C 30 19.35 -22.18 -20.00
N PRO C 31 18.56 -23.25 -20.17
CA PRO C 31 18.48 -24.30 -19.14
C PRO C 31 19.89 -24.81 -18.85
N ASN C 32 20.24 -25.10 -17.59
CA ASN C 32 19.31 -25.22 -16.47
C ASN C 32 19.33 -23.98 -15.55
N MET C 33 19.82 -22.83 -16.01
CA MET C 33 19.82 -21.57 -15.19
C MET C 33 18.57 -20.72 -15.52
N LEU C 34 17.85 -21.02 -16.60
CA LEU C 34 16.64 -20.23 -16.98
C LEU C 34 15.55 -20.51 -15.93
N MET C 35 15.02 -19.48 -15.26
CA MET C 35 14.06 -19.70 -14.12
C MET C 35 12.70 -19.09 -14.45
N ILE C 36 12.42 -18.95 -15.75
CA ILE C 36 11.15 -18.44 -16.33
C ILE C 36 10.73 -19.41 -17.45
N ASP C 37 9.44 -19.74 -17.53
CA ASP C 37 8.81 -20.48 -18.66
C ASP C 37 8.14 -19.51 -19.63
N ARG C 38 7.49 -18.44 -19.15
CA ARG C 38 6.78 -17.51 -20.06
C ARG C 38 6.75 -16.11 -19.42
N ILE C 39 6.81 -15.09 -20.26
CA ILE C 39 6.47 -13.71 -19.86
C ILE C 39 5.02 -13.45 -20.30
N VAL C 40 4.15 -13.40 -19.29
CA VAL C 40 2.68 -13.19 -19.44
C VAL C 40 2.45 -11.75 -19.90
N HIS C 41 3.22 -10.79 -19.39
CA HIS C 41 3.02 -9.35 -19.71
C HIS C 41 4.29 -8.57 -19.45
N ILE C 42 4.66 -7.70 -20.39
CA ILE C 42 5.72 -6.68 -20.23
C ILE C 42 5.21 -5.39 -20.89
N SER C 43 5.45 -4.27 -20.21
CA SER C 43 5.17 -2.89 -20.70
C SER C 43 6.21 -1.97 -20.05
N ASP C 44 6.51 -0.84 -20.67
CA ASP C 44 7.44 0.16 -20.08
C ASP C 44 6.67 1.43 -19.75
N VAL C 45 5.33 1.37 -19.71
CA VAL C 45 4.53 2.55 -19.23
C VAL C 45 3.53 2.05 -18.19
N GLY C 46 2.98 2.98 -17.42
CA GLY C 46 2.04 2.65 -16.32
C GLY C 46 2.76 1.92 -15.21
N GLY C 47 2.16 0.90 -14.63
CA GLY C 47 2.72 0.16 -13.49
C GLY C 47 2.78 1.05 -12.26
N LYS C 48 3.43 0.55 -11.22
CA LYS C 48 3.47 1.20 -9.89
C LYS C 48 4.16 2.54 -10.00
N TYR C 49 5.19 2.67 -10.85
CA TYR C 49 6.07 3.85 -10.81
C TYR C 49 6.11 4.56 -12.16
N GLY C 50 5.18 4.25 -13.07
CA GLY C 50 5.15 4.88 -14.41
C GLY C 50 6.17 4.32 -15.38
N LYS C 51 6.89 3.25 -15.03
CA LYS C 51 7.94 2.64 -15.90
C LYS C 51 7.52 1.22 -16.30
N GLY C 52 6.27 0.86 -16.09
CA GLY C 52 5.73 -0.44 -16.49
C GLY C 52 6.07 -1.55 -15.48
N GLU C 53 6.04 -2.78 -15.97
CA GLU C 53 6.10 -3.98 -15.11
C GLU C 53 6.29 -5.21 -16.01
N LEU C 54 6.69 -6.32 -15.38
CA LEU C 54 6.68 -7.66 -15.98
C LEU C 54 5.91 -8.59 -15.06
N VAL C 55 5.16 -9.49 -15.70
CA VAL C 55 4.56 -10.67 -15.04
C VAL C 55 5.08 -11.88 -15.80
N ALA C 56 5.65 -12.84 -15.09
CA ALA C 56 6.23 -14.05 -15.69
C ALA C 56 5.88 -15.25 -14.82
N GLU C 57 5.98 -16.45 -15.40
CA GLU C 57 5.62 -17.71 -14.72
C GLU C 57 6.72 -18.76 -14.93
N LEU C 58 6.86 -19.63 -13.94
CA LEU C 58 7.65 -20.88 -13.99
C LEU C 58 6.72 -22.00 -13.51
N ASP C 59 6.49 -23.00 -14.38
CA ASP C 59 5.73 -24.24 -14.02
C ASP C 59 6.60 -25.08 -13.10
N ILE C 60 5.98 -25.66 -12.08
CA ILE C 60 6.67 -26.52 -11.08
C ILE C 60 6.20 -27.96 -11.31
N ASN C 61 7.15 -28.89 -11.34
CA ASN C 61 6.82 -30.33 -11.26
C ASN C 61 7.91 -30.94 -10.38
N PRO C 62 7.65 -32.12 -9.79
CA PRO C 62 8.59 -32.72 -8.83
C PRO C 62 9.96 -33.11 -9.41
N ASP C 63 10.11 -33.13 -10.74
CA ASP C 63 11.32 -33.67 -11.41
C ASP C 63 12.29 -32.54 -11.77
N LEU C 64 11.96 -31.27 -11.49
CA LEU C 64 12.90 -30.16 -11.76
C LEU C 64 14.22 -30.45 -11.01
N TRP C 65 15.35 -30.28 -11.68
CA TRP C 65 16.68 -30.74 -11.21
C TRP C 65 17.00 -30.24 -9.79
N PHE C 66 16.60 -29.04 -9.42
CA PHE C 66 17.07 -28.41 -8.16
C PHE C 66 16.41 -29.10 -6.94
N PHE C 67 15.33 -29.88 -7.11
CA PHE C 67 14.62 -30.48 -5.97
C PHE C 67 15.44 -31.64 -5.36
N ALA C 68 16.08 -32.45 -6.20
CA ALA C 68 16.80 -33.68 -5.80
C ALA C 68 18.02 -33.32 -4.93
N CYS C 69 18.76 -32.25 -5.26
CA CYS C 69 20.01 -31.85 -4.57
C CYS C 69 19.77 -30.77 -3.51
N HIS C 70 18.55 -30.25 -3.37
CA HIS C 70 18.29 -29.04 -2.53
C HIS C 70 16.95 -29.14 -1.83
N PHE C 71 16.88 -29.85 -0.71
CA PHE C 71 17.92 -30.68 -0.12
C PHE C 71 17.49 -32.16 -0.19
N GLU C 72 18.43 -33.10 -0.06
CA GLU C 72 18.10 -34.55 -0.06
C GLU C 72 17.15 -34.85 1.10
N GLY C 73 15.97 -35.39 0.80
CA GLY C 73 14.91 -35.69 1.79
C GLY C 73 14.16 -34.45 2.28
N ASP C 74 14.44 -33.27 1.70
CA ASP C 74 13.79 -31.98 2.10
C ASP C 74 13.80 -31.06 0.87
N PRO C 75 13.08 -31.43 -0.20
CA PRO C 75 13.13 -30.67 -1.46
C PRO C 75 12.49 -29.27 -1.32
N VAL C 76 13.19 -28.26 -1.82
CA VAL C 76 12.68 -26.85 -1.84
C VAL C 76 13.40 -26.08 -2.93
N MET C 77 12.67 -25.36 -3.77
CA MET C 77 13.33 -24.54 -4.82
C MET C 77 14.29 -23.58 -4.13
N PRO C 78 15.58 -23.55 -4.54
CA PRO C 78 16.51 -22.57 -3.95
C PRO C 78 15.97 -21.14 -4.05
N GLY C 79 15.96 -20.42 -2.93
CA GLY C 79 15.58 -18.99 -2.89
C GLY C 79 16.43 -18.20 -3.88
N CYS C 80 17.71 -18.54 -4.01
CA CYS C 80 18.66 -17.81 -4.88
C CYS C 80 18.21 -17.86 -6.34
N LEU C 81 17.50 -18.91 -6.76
CA LEU C 81 17.08 -19.09 -8.16
C LEU C 81 15.80 -18.27 -8.43
N GLY C 82 14.91 -18.15 -7.45
CA GLY C 82 13.76 -17.24 -7.54
C GLY C 82 14.20 -15.79 -7.60
N LEU C 83 15.17 -15.44 -6.76
CA LEU C 83 15.82 -14.10 -6.81
C LEU C 83 16.43 -13.92 -8.20
N ASP C 84 17.13 -14.94 -8.72
CA ASP C 84 17.79 -14.80 -10.04
C ASP C 84 16.75 -14.59 -11.15
N ALA C 85 15.58 -15.22 -11.08
CA ALA C 85 14.49 -14.99 -12.05
C ALA C 85 14.17 -13.49 -12.11
N MET C 86 14.19 -12.81 -10.97
CA MET C 86 13.85 -11.36 -10.94
C MET C 86 14.95 -10.56 -11.64
N TRP C 87 16.22 -10.87 -11.40
CA TRP C 87 17.35 -10.26 -12.16
C TRP C 87 17.22 -10.60 -13.66
N GLN C 88 16.86 -11.84 -14.00
CA GLN C 88 16.72 -12.29 -15.42
C GLN C 88 15.67 -11.39 -16.08
N LEU C 89 14.55 -11.12 -15.39
CA LEU C 89 13.43 -10.33 -15.95
C LEU C 89 13.81 -8.86 -16.10
N VAL C 90 14.54 -8.27 -15.15
CA VAL C 90 14.94 -6.85 -15.29
C VAL C 90 15.90 -6.72 -16.48
N GLY C 91 16.82 -7.68 -16.67
CA GLY C 91 17.73 -7.73 -17.82
C GLY C 91 16.94 -7.84 -19.12
N PHE C 92 15.95 -8.72 -19.16
CA PHE C 92 15.06 -8.87 -20.33
C PHE C 92 14.41 -7.52 -20.66
N TYR C 93 13.87 -6.83 -19.66
CA TYR C 93 13.22 -5.50 -19.83
C TYR C 93 14.19 -4.53 -20.52
N LEU C 94 15.43 -4.45 -20.07
CA LEU C 94 16.42 -3.49 -20.65
C LEU C 94 16.64 -3.84 -22.13
N GLY C 95 16.76 -5.13 -22.45
CA GLY C 95 16.92 -5.62 -23.83
C GLY C 95 15.69 -5.32 -24.66
N TRP C 96 14.51 -5.54 -24.10
CA TRP C 96 13.20 -5.36 -24.77
C TRP C 96 13.03 -3.89 -25.15
N GLN C 97 13.55 -2.97 -24.34
CA GLN C 97 13.47 -1.51 -24.64
C GLN C 97 14.38 -1.15 -25.82
N GLY C 98 15.33 -2.00 -26.21
CA GLY C 98 16.22 -1.74 -27.36
C GLY C 98 17.55 -1.13 -26.92
N ASN C 99 17.89 -1.21 -25.64
CA ASN C 99 19.26 -0.84 -25.16
C ASN C 99 20.27 -1.87 -25.65
N PRO C 100 21.49 -1.44 -26.03
CA PRO C 100 22.53 -2.38 -26.40
C PRO C 100 23.29 -2.88 -25.17
N GLY C 101 23.96 -4.03 -25.29
CA GLY C 101 24.89 -4.52 -24.25
C GLY C 101 24.41 -5.79 -23.54
N ARG C 102 25.36 -6.46 -22.90
CA ARG C 102 25.16 -7.72 -22.15
C ARG C 102 24.79 -7.37 -20.70
N GLY C 103 23.84 -8.12 -20.15
CA GLY C 103 23.33 -7.95 -18.78
C GLY C 103 24.22 -8.55 -17.70
N ARG C 104 24.34 -7.81 -16.59
CA ARG C 104 24.84 -8.32 -15.31
C ARG C 104 23.93 -7.82 -14.18
N ALA C 105 23.57 -8.70 -13.25
CA ALA C 105 22.99 -8.30 -11.95
C ALA C 105 24.02 -7.44 -11.19
N LEU C 106 23.60 -6.34 -10.60
CA LEU C 106 24.49 -5.45 -9.79
C LEU C 106 24.15 -5.58 -8.31
N GLY C 107 23.04 -6.25 -7.99
CA GLY C 107 22.67 -6.52 -6.59
C GLY C 107 21.23 -6.12 -6.30
N SER C 108 20.97 -5.88 -5.02
CA SER C 108 19.62 -5.57 -4.52
C SER C 108 19.72 -4.90 -3.16
N GLY C 109 18.70 -4.12 -2.79
CA GLY C 109 18.47 -3.79 -1.39
C GLY C 109 17.90 -5.02 -0.71
N GLU C 110 16.95 -4.81 0.15
CA GLU C 110 16.42 -5.87 1.04
C GLU C 110 15.77 -7.01 0.24
N VAL C 111 16.18 -8.24 0.53
CA VAL C 111 15.52 -9.47 0.03
C VAL C 111 14.95 -10.23 1.22
N LYS C 112 13.67 -10.63 1.14
CA LYS C 112 13.00 -11.44 2.18
C LYS C 112 12.43 -12.71 1.56
N PHE C 113 12.76 -13.84 2.16
CA PHE C 113 12.15 -15.16 1.87
C PHE C 113 11.26 -15.53 3.06
N PHE C 114 9.93 -15.52 2.91
CA PHE C 114 8.99 -15.83 4.02
C PHE C 114 8.04 -16.94 3.61
N GLY C 115 8.43 -17.72 2.61
CA GLY C 115 7.73 -18.97 2.23
C GLY C 115 8.57 -19.73 1.25
N GLN C 116 8.05 -20.85 0.75
CA GLN C 116 8.88 -21.80 -0.03
C GLN C 116 8.03 -22.44 -1.13
N VAL C 117 8.72 -22.84 -2.18
CA VAL C 117 8.18 -23.60 -3.32
C VAL C 117 8.53 -25.07 -3.09
N LEU C 118 7.53 -25.89 -2.85
CA LEU C 118 7.66 -27.35 -2.71
C LEU C 118 7.43 -28.04 -4.06
N PRO C 119 7.89 -29.28 -4.23
CA PRO C 119 7.68 -30.03 -5.48
C PRO C 119 6.20 -30.32 -5.80
N THR C 120 5.30 -30.17 -4.82
CA THR C 120 3.84 -30.32 -5.01
C THR C 120 3.19 -29.01 -5.50
N ALA C 121 3.89 -27.88 -5.54
CA ALA C 121 3.36 -26.63 -6.13
C ALA C 121 3.12 -26.81 -7.63
N LYS C 122 2.27 -25.97 -8.23
CA LYS C 122 2.00 -25.96 -9.69
C LYS C 122 2.74 -24.83 -10.40
N LYS C 123 2.76 -23.62 -9.84
CA LYS C 123 3.18 -22.43 -10.60
C LYS C 123 3.75 -21.33 -9.71
N VAL C 124 4.93 -20.84 -10.07
CA VAL C 124 5.58 -19.64 -9.48
C VAL C 124 5.26 -18.46 -10.39
N THR C 125 4.82 -17.35 -9.83
CA THR C 125 4.60 -16.09 -10.58
C THR C 125 5.56 -15.01 -10.05
N TYR C 126 6.20 -14.31 -10.96
CA TYR C 126 7.09 -13.15 -10.70
C TYR C 126 6.35 -11.88 -11.13
N ASN C 127 6.28 -10.90 -10.23
CA ASN C 127 5.76 -9.55 -10.52
C ASN C 127 6.90 -8.57 -10.29
N ILE C 128 7.32 -7.89 -11.35
CA ILE C 128 8.47 -6.93 -11.32
C ILE C 128 7.91 -5.54 -11.61
N HIS C 129 8.16 -4.58 -10.72
CA HIS C 129 7.77 -3.15 -10.89
C HIS C 129 9.03 -2.33 -11.12
N ILE C 130 9.21 -1.84 -12.34
CA ILE C 130 10.39 -1.01 -12.72
C ILE C 130 10.23 0.35 -12.03
N LYS C 131 11.26 0.76 -11.29
CA LYS C 131 11.26 1.98 -10.48
C LYS C 131 11.92 3.12 -11.24
N ARG C 132 13.06 2.86 -11.88
CA ARG C 132 13.86 3.89 -12.58
C ARG C 132 14.77 3.19 -13.60
N THR C 133 15.04 3.84 -14.74
CA THR C 133 16.18 3.53 -15.64
C THR C 133 17.13 4.74 -15.63
N ILE C 134 18.44 4.48 -15.59
CA ILE C 134 19.51 5.50 -15.42
C ILE C 134 20.53 5.30 -16.54
N ASN C 135 21.06 6.38 -17.15
CA ASN C 135 21.95 6.37 -18.35
C ASN C 135 23.28 7.05 -18.02
N ARG C 136 23.84 6.90 -16.81
CA ARG C 136 25.10 7.61 -16.42
C ARG C 136 26.32 6.75 -16.77
N SER C 137 27.00 6.15 -15.78
CA SER C 137 28.15 5.21 -15.95
C SER C 137 27.85 4.11 -16.99
N LEU C 138 26.68 3.46 -16.89
CA LEU C 138 26.14 2.47 -17.86
C LEU C 138 24.61 2.61 -17.88
N VAL C 139 23.91 1.88 -18.76
CA VAL C 139 22.42 1.74 -18.67
C VAL C 139 22.10 0.76 -17.53
N LEU C 140 21.27 1.16 -16.58
CA LEU C 140 20.80 0.22 -15.53
C LEU C 140 19.34 0.50 -15.18
N ALA C 141 18.70 -0.54 -14.65
CA ALA C 141 17.30 -0.51 -14.19
C ALA C 141 17.31 -0.87 -12.72
N ILE C 142 16.47 -0.20 -11.96
CA ILE C 142 16.19 -0.49 -10.53
C ILE C 142 14.72 -0.89 -10.48
N ALA C 143 14.40 -1.97 -9.75
CA ALA C 143 13.05 -2.54 -9.69
C ALA C 143 12.77 -3.16 -8.34
N ASP C 144 11.50 -3.24 -7.99
CA ASP C 144 11.01 -4.04 -6.84
C ASP C 144 10.31 -5.26 -7.43
N GLY C 145 10.32 -6.36 -6.70
CA GLY C 145 9.81 -7.65 -7.20
C GLY C 145 9.16 -8.45 -6.10
N THR C 146 8.18 -9.26 -6.49
CA THR C 146 7.61 -10.32 -5.62
C THR C 146 7.68 -11.64 -6.35
N VAL C 147 7.83 -12.71 -5.56
CA VAL C 147 7.66 -14.08 -6.03
C VAL C 147 6.47 -14.65 -5.27
N SER C 148 5.56 -15.29 -6.00
CA SER C 148 4.34 -15.92 -5.49
C SER C 148 4.33 -17.39 -5.92
N VAL C 149 3.77 -18.26 -5.08
CA VAL C 149 3.53 -19.67 -5.48
C VAL C 149 2.03 -19.99 -5.32
N ASP C 150 1.39 -20.37 -6.42
CA ASP C 150 -0.05 -20.72 -6.47
C ASP C 150 -0.84 -19.59 -5.79
N GLY C 151 -0.57 -18.32 -6.10
CA GLY C 151 -1.35 -17.15 -5.62
C GLY C 151 -0.77 -16.49 -4.36
N ARG C 152 0.10 -17.18 -3.61
CA ARG C 152 0.57 -16.75 -2.29
C ARG C 152 1.95 -16.08 -2.41
N GLU C 153 2.05 -14.81 -2.03
CA GLU C 153 3.35 -14.08 -2.05
C GLU C 153 4.29 -14.74 -1.05
N ILE C 154 5.52 -15.08 -1.46
CA ILE C 154 6.49 -15.75 -0.53
C ILE C 154 7.84 -15.02 -0.47
N TYR C 155 8.24 -14.27 -1.50
CA TYR C 155 9.51 -13.48 -1.48
C TYR C 155 9.21 -12.04 -1.86
N SER C 156 10.01 -11.11 -1.36
CA SER C 156 10.03 -9.71 -1.81
C SER C 156 11.49 -9.28 -1.99
N ALA C 157 11.72 -8.36 -2.93
CA ALA C 157 13.04 -7.77 -3.19
C ALA C 157 12.83 -6.29 -3.49
N GLU C 158 13.59 -5.43 -2.83
CA GLU C 158 13.57 -3.97 -3.06
C GLU C 158 14.89 -3.62 -3.69
N GLY C 159 14.87 -2.77 -4.72
CA GLY C 159 16.11 -2.21 -5.27
C GLY C 159 16.91 -3.23 -6.03
N LEU C 160 16.27 -4.18 -6.74
CA LEU C 160 16.98 -5.04 -7.71
C LEU C 160 17.64 -4.11 -8.74
N ARG C 161 18.89 -4.35 -9.06
CA ARG C 161 19.67 -3.55 -10.05
C ARG C 161 20.29 -4.50 -11.08
N VAL C 162 20.14 -4.15 -12.35
CA VAL C 162 20.77 -4.85 -13.50
C VAL C 162 21.32 -3.79 -14.43
N GLY C 163 22.54 -4.00 -14.92
CA GLY C 163 23.22 -3.09 -15.85
C GLY C 163 23.61 -3.79 -17.13
N LEU C 164 23.79 -3.00 -18.19
CA LEU C 164 24.21 -3.48 -19.53
C LEU C 164 25.63 -2.97 -19.81
N PHE C 165 26.49 -3.87 -20.28
CA PHE C 165 27.93 -3.64 -20.60
C PHE C 165 28.10 -3.75 -22.11
N THR C 166 28.58 -2.67 -22.72
CA THR C 166 29.06 -2.59 -24.12
C THR C 166 30.60 -2.64 -24.07
N THR D 2 -7.26 -19.13 16.13
CA THR D 2 -5.83 -19.17 15.70
C THR D 2 -5.49 -20.56 15.15
N LYS D 3 -6.25 -21.61 15.51
CA LYS D 3 -6.02 -23.00 15.02
C LYS D 3 -6.46 -23.14 13.56
N GLN D 4 -7.51 -22.42 13.12
CA GLN D 4 -8.07 -22.60 11.75
C GLN D 4 -7.37 -21.61 10.80
N HIS D 5 -6.76 -22.10 9.72
CA HIS D 5 -5.87 -21.31 8.84
C HIS D 5 -6.50 -21.10 7.44
N ALA D 6 -7.71 -21.61 7.21
CA ALA D 6 -8.45 -21.45 5.93
C ALA D 6 -9.94 -21.39 6.22
N PHE D 7 -10.69 -20.64 5.41
CA PHE D 7 -12.13 -20.37 5.58
C PHE D 7 -12.81 -20.44 4.21
N THR D 8 -13.93 -21.17 4.15
CA THR D 8 -14.78 -21.34 2.96
C THR D 8 -15.72 -20.14 2.83
N ARG D 9 -16.41 -20.03 1.70
CA ARG D 9 -17.42 -18.97 1.49
C ARG D 9 -18.46 -19.05 2.60
N GLU D 10 -18.88 -20.26 2.95
CA GLU D 10 -19.95 -20.46 3.95
C GLU D 10 -19.42 -20.00 5.33
N ASP D 11 -18.13 -20.18 5.63
CA ASP D 11 -17.50 -19.62 6.87
C ASP D 11 -17.60 -18.09 6.85
N LEU D 12 -17.35 -17.47 5.69
CA LEU D 12 -17.35 -15.99 5.57
C LEU D 12 -18.78 -15.49 5.73
N LEU D 13 -19.77 -16.17 5.13
CA LEU D 13 -21.20 -15.78 5.27
C LEU D 13 -21.61 -15.88 6.75
N ARG D 14 -21.15 -16.91 7.44
CA ARG D 14 -21.41 -17.10 8.90
C ARG D 14 -20.77 -15.93 9.64
N CYS D 15 -19.54 -15.54 9.27
CA CYS D 15 -18.85 -14.36 9.83
C CYS D 15 -19.72 -13.10 9.62
N SER D 16 -20.35 -12.96 8.47
CA SER D 16 -21.17 -11.76 8.10
C SER D 16 -22.43 -11.68 8.99
N ARG D 17 -22.91 -12.80 9.51
CA ARG D 17 -24.10 -12.86 10.39
C ARG D 17 -23.69 -12.71 11.86
N GLY D 18 -22.40 -12.60 12.16
CA GLY D 18 -21.91 -12.42 13.54
C GLY D 18 -21.68 -13.75 14.24
N GLU D 19 -21.81 -14.87 13.53
CA GLU D 19 -21.80 -16.23 14.12
C GLU D 19 -20.41 -16.87 14.05
N LEU D 20 -19.38 -16.23 13.49
CA LEU D 20 -18.01 -16.80 13.51
C LEU D 20 -17.26 -16.27 14.74
N PHE D 21 -17.23 -14.95 14.96
CA PHE D 21 -16.47 -14.34 16.09
C PHE D 21 -17.43 -13.95 17.23
N GLY D 22 -18.75 -14.04 17.03
CA GLY D 22 -19.76 -13.85 18.10
C GLY D 22 -20.29 -12.43 18.10
N PRO D 23 -21.41 -12.16 18.82
CA PRO D 23 -22.04 -10.84 18.75
C PRO D 23 -21.12 -9.77 19.36
N GLY D 24 -21.15 -8.56 18.80
CA GLY D 24 -20.30 -7.41 19.18
C GLY D 24 -18.89 -7.51 18.63
N ASN D 25 -18.56 -8.56 17.86
CA ASN D 25 -17.18 -8.79 17.35
C ASN D 25 -17.19 -8.60 15.82
N ALA D 26 -16.00 -8.68 15.21
CA ALA D 26 -15.75 -8.33 13.79
C ALA D 26 -16.74 -9.08 12.90
N GLN D 27 -17.33 -8.36 11.96
CA GLN D 27 -18.23 -8.93 10.94
C GLN D 27 -17.68 -8.57 9.58
N LEU D 28 -17.60 -9.54 8.67
CA LEU D 28 -17.50 -9.23 7.24
C LEU D 28 -18.82 -8.65 6.77
N PRO D 29 -18.83 -7.89 5.66
CA PRO D 29 -20.07 -7.55 4.99
C PRO D 29 -20.70 -8.84 4.43
N ALA D 30 -22.03 -8.83 4.27
CA ALA D 30 -22.78 -9.85 3.49
C ALA D 30 -22.77 -9.42 2.03
N PRO D 31 -23.16 -10.30 1.08
CA PRO D 31 -23.39 -9.86 -0.30
C PRO D 31 -24.42 -8.75 -0.30
N ASN D 32 -24.27 -7.72 -1.13
CA ASN D 32 -23.35 -7.66 -2.26
C ASN D 32 -22.09 -6.83 -1.94
N MET D 33 -21.78 -6.53 -0.68
CA MET D 33 -20.55 -5.77 -0.32
C MET D 33 -19.40 -6.74 0.01
N LEU D 34 -19.66 -8.04 0.19
CA LEU D 34 -18.59 -9.03 0.51
C LEU D 34 -17.74 -9.18 -0.75
N MET D 35 -16.41 -8.96 -0.67
CA MET D 35 -15.55 -8.95 -1.87
C MET D 35 -14.50 -10.06 -1.78
N ILE D 36 -14.80 -11.09 -0.99
CA ILE D 36 -13.97 -12.31 -0.77
C ILE D 36 -14.89 -13.54 -0.91
N ASP D 37 -14.43 -14.59 -1.60
CA ASP D 37 -15.10 -15.92 -1.67
C ASP D 37 -14.43 -16.86 -0.66
N ARG D 38 -13.11 -16.82 -0.49
CA ARG D 38 -12.44 -17.77 0.44
C ARG D 38 -11.16 -17.13 1.00
N ILE D 39 -10.84 -17.49 2.24
CA ILE D 39 -9.51 -17.21 2.82
C ILE D 39 -8.71 -18.50 2.72
N VAL D 40 -7.75 -18.50 1.80
CA VAL D 40 -6.88 -19.64 1.45
C VAL D 40 -5.91 -19.86 2.60
N HIS D 41 -5.40 -18.78 3.20
CA HIS D 41 -4.40 -18.89 4.28
C HIS D 41 -4.42 -17.66 5.17
N ILE D 42 -4.42 -17.87 6.49
CA ILE D 42 -4.23 -16.81 7.50
C ILE D 42 -3.33 -17.38 8.61
N SER D 43 -2.40 -16.57 9.09
CA SER D 43 -1.40 -16.86 10.14
C SER D 43 -1.01 -15.55 10.80
N ASP D 44 -0.59 -15.57 12.08
CA ASP D 44 -0.14 -14.33 12.76
C ASP D 44 1.35 -14.41 13.03
N VAL D 45 2.07 -15.35 12.42
CA VAL D 45 3.56 -15.39 12.53
C VAL D 45 4.17 -15.50 11.13
N GLY D 46 5.47 -15.22 11.03
CA GLY D 46 6.19 -15.20 9.74
C GLY D 46 5.70 -14.06 8.86
N GLY D 47 5.57 -14.28 7.56
CA GLY D 47 5.14 -13.23 6.63
C GLY D 47 6.24 -12.18 6.47
N LYS D 48 5.96 -11.12 5.74
CA LYS D 48 6.96 -10.08 5.36
C LYS D 48 7.51 -9.40 6.62
N TYR D 49 6.71 -9.23 7.68
CA TYR D 49 7.13 -8.39 8.82
C TYR D 49 7.12 -9.19 10.13
N GLY D 50 6.98 -10.50 10.09
CA GLY D 50 6.92 -11.32 11.32
C GLY D 50 5.55 -11.32 11.98
N LYS D 51 4.53 -10.71 11.37
CA LYS D 51 3.17 -10.64 11.97
C LYS D 51 2.16 -11.44 11.14
N GLY D 52 2.67 -12.27 10.24
CA GLY D 52 1.82 -13.18 9.44
C GLY D 52 1.24 -12.46 8.22
N GLU D 53 0.18 -13.05 7.69
CA GLU D 53 -0.35 -12.67 6.37
C GLU D 53 -1.72 -13.33 6.17
N LEU D 54 -2.44 -12.80 5.19
CA LEU D 54 -3.63 -13.44 4.64
C LEU D 54 -3.48 -13.57 3.13
N VAL D 55 -4.00 -14.67 2.59
CA VAL D 55 -4.20 -14.89 1.15
C VAL D 55 -5.67 -15.24 1.01
N ALA D 56 -6.37 -14.56 0.11
CA ALA D 56 -7.81 -14.75 -0.11
C ALA D 56 -8.08 -14.63 -1.61
N GLU D 57 -9.26 -15.10 -2.03
CA GLU D 57 -9.66 -15.13 -3.46
C GLU D 57 -11.10 -14.67 -3.61
N LEU D 58 -11.38 -14.08 -4.77
CA LEU D 58 -12.71 -13.76 -5.29
C LEU D 58 -12.77 -14.30 -6.72
N ASP D 59 -13.74 -15.19 -6.99
CA ASP D 59 -14.02 -15.73 -8.35
C ASP D 59 -14.70 -14.64 -9.16
N ILE D 60 -14.28 -14.49 -10.43
CA ILE D 60 -14.86 -13.50 -11.37
C ILE D 60 -15.71 -14.23 -12.42
N ASN D 61 -16.88 -13.71 -12.74
CA ASN D 61 -17.67 -14.15 -13.91
C ASN D 61 -18.35 -12.90 -14.44
N PRO D 62 -18.78 -12.89 -15.72
CA PRO D 62 -19.31 -11.68 -16.35
C PRO D 62 -20.62 -11.13 -15.76
N ASP D 63 -21.29 -11.90 -14.91
CA ASP D 63 -22.64 -11.55 -14.38
C ASP D 63 -22.51 -10.89 -13.00
N LEU D 64 -21.32 -10.74 -12.42
CA LEU D 64 -21.19 -10.06 -11.09
C LEU D 64 -21.79 -8.66 -11.22
N TRP D 65 -22.59 -8.24 -10.23
CA TRP D 65 -23.50 -7.07 -10.33
C TRP D 65 -22.75 -5.80 -10.75
N PHE D 66 -21.52 -5.61 -10.29
CA PHE D 66 -20.81 -4.32 -10.46
C PHE D 66 -20.38 -4.12 -11.93
N PHE D 67 -20.39 -5.15 -12.79
CA PHE D 67 -19.89 -5.00 -14.19
C PHE D 67 -20.90 -4.20 -15.04
N ALA D 68 -22.20 -4.45 -14.86
CA ALA D 68 -23.28 -3.88 -15.70
C ALA D 68 -23.35 -2.36 -15.52
N CYS D 69 -23.19 -1.87 -14.27
CA CYS D 69 -23.36 -0.42 -13.94
C CYS D 69 -22.01 0.31 -13.92
N HIS D 70 -20.88 -0.39 -14.08
CA HIS D 70 -19.54 0.21 -13.86
C HIS D 70 -18.52 -0.32 -14.87
N PHE D 71 -18.48 0.26 -16.08
CA PHE D 71 -19.39 1.26 -16.61
C PHE D 71 -20.21 0.67 -17.75
N GLU D 72 -21.32 1.31 -18.12
CA GLU D 72 -22.18 0.86 -19.26
C GLU D 72 -21.32 0.88 -20.53
N GLY D 73 -21.20 -0.27 -21.19
CA GLY D 73 -20.38 -0.43 -22.42
C GLY D 73 -18.88 -0.50 -22.13
N ASP D 74 -18.47 -0.51 -20.86
CA ASP D 74 -17.03 -0.41 -20.46
C ASP D 74 -16.87 -1.07 -19.09
N PRO D 75 -17.17 -2.38 -18.96
CA PRO D 75 -17.22 -3.05 -17.66
C PRO D 75 -15.82 -3.16 -17.02
N VAL D 76 -15.73 -2.86 -15.74
CA VAL D 76 -14.48 -2.99 -14.93
C VAL D 76 -14.85 -3.07 -13.44
N MET D 77 -14.31 -4.05 -12.71
CA MET D 77 -14.56 -4.13 -11.25
C MET D 77 -14.13 -2.79 -10.64
N PRO D 78 -15.01 -2.13 -9.86
CA PRO D 78 -14.60 -0.89 -9.18
C PRO D 78 -13.35 -1.13 -8.33
N GLY D 79 -12.35 -0.24 -8.50
CA GLY D 79 -11.13 -0.25 -7.70
C GLY D 79 -11.46 -0.18 -6.21
N CYS D 80 -12.45 0.62 -5.85
CA CYS D 80 -12.85 0.83 -4.44
C CYS D 80 -13.27 -0.49 -3.79
N LEU D 81 -13.80 -1.46 -4.55
CA LEU D 81 -14.27 -2.74 -3.96
C LEU D 81 -13.08 -3.69 -3.74
N GLY D 82 -12.07 -3.65 -4.61
CA GLY D 82 -10.83 -4.41 -4.36
C GLY D 82 -10.09 -3.86 -3.15
N LEU D 83 -10.02 -2.54 -3.04
CA LEU D 83 -9.44 -1.87 -1.85
C LEU D 83 -10.26 -2.30 -0.63
N ASP D 84 -11.60 -2.33 -0.75
CA ASP D 84 -12.44 -2.69 0.42
C ASP D 84 -12.17 -4.14 0.85
N ALA D 85 -11.93 -5.05 -0.08
CA ALA D 85 -11.57 -6.46 0.26
C ALA D 85 -10.36 -6.47 1.21
N MET D 86 -9.40 -5.58 0.99
CA MET D 86 -8.17 -5.56 1.82
C MET D 86 -8.52 -5.05 3.22
N TRP D 87 -9.37 -4.03 3.35
CA TRP D 87 -9.91 -3.61 4.67
C TRP D 87 -10.70 -4.76 5.33
N GLN D 88 -11.55 -5.46 4.55
CA GLN D 88 -12.37 -6.59 5.07
C GLN D 88 -11.41 -7.62 5.68
N LEU D 89 -10.31 -7.93 4.99
CA LEU D 89 -9.35 -8.97 5.44
C LEU D 89 -8.57 -8.53 6.69
N VAL D 90 -8.15 -7.27 6.77
CA VAL D 90 -7.41 -6.80 7.97
C VAL D 90 -8.37 -6.85 9.19
N GLY D 91 -9.65 -6.50 9.00
CA GLY D 91 -10.67 -6.59 10.05
C GLY D 91 -10.87 -8.03 10.47
N PHE D 92 -10.95 -8.95 9.49
CA PHE D 92 -11.09 -10.39 9.77
C PHE D 92 -9.91 -10.86 10.64
N TYR D 93 -8.69 -10.48 10.28
CA TYR D 93 -7.46 -10.84 11.05
C TYR D 93 -7.62 -10.43 12.51
N LEU D 94 -8.06 -9.21 12.78
CA LEU D 94 -8.18 -8.71 14.18
C LEU D 94 -9.20 -9.58 14.95
N GLY D 95 -10.33 -9.91 14.31
CA GLY D 95 -11.36 -10.81 14.88
C GLY D 95 -10.79 -12.21 15.13
N TRP D 96 -10.06 -12.74 14.16
CA TRP D 96 -9.47 -14.10 14.19
C TRP D 96 -8.46 -14.21 15.33
N GLN D 97 -7.76 -13.14 15.67
CA GLN D 97 -6.80 -13.13 16.80
C GLN D 97 -7.55 -13.18 18.14
N GLY D 98 -8.86 -12.94 18.16
CA GLY D 98 -9.69 -13.04 19.36
C GLY D 98 -9.93 -11.70 20.03
N ASN D 99 -9.60 -10.59 19.36
CA ASN D 99 -9.91 -9.22 19.86
C ASN D 99 -11.42 -9.00 19.81
N PRO D 100 -12.00 -8.32 20.84
CA PRO D 100 -13.41 -7.96 20.81
C PRO D 100 -13.63 -6.66 20.03
N GLY D 101 -14.86 -6.43 19.58
CA GLY D 101 -15.31 -5.15 19.02
C GLY D 101 -15.66 -5.21 17.54
N ARG D 102 -16.39 -4.18 17.09
CA ARG D 102 -16.87 -4.02 15.70
C ARG D 102 -15.77 -3.35 14.88
N GLY D 103 -15.58 -3.79 13.65
CA GLY D 103 -14.56 -3.29 12.71
C GLY D 103 -14.99 -2.02 11.99
N ARG D 104 -14.06 -1.07 11.87
CA ARG D 104 -14.16 0.05 10.90
C ARG D 104 -12.81 0.25 10.22
N ALA D 105 -12.81 0.43 8.89
CA ALA D 105 -11.64 0.93 8.14
C ALA D 105 -11.31 2.32 8.67
N LEU D 106 -10.04 2.63 8.89
CA LEU D 106 -9.58 3.97 9.36
C LEU D 106 -8.85 4.67 8.23
N GLY D 107 -8.48 3.96 7.17
CA GLY D 107 -7.90 4.56 5.96
C GLY D 107 -6.68 3.82 5.48
N SER D 108 -5.82 4.53 4.76
CA SER D 108 -4.61 3.93 4.14
C SER D 108 -3.61 5.05 3.82
N GLY D 109 -2.33 4.69 3.72
CA GLY D 109 -1.35 5.54 3.00
C GLY D 109 -1.64 5.34 1.51
N GLU D 110 -0.60 5.24 0.73
CA GLU D 110 -0.68 5.19 -0.73
C GLU D 110 -1.51 4.00 -1.23
N VAL D 111 -2.48 4.28 -2.10
CA VAL D 111 -3.18 3.24 -2.91
C VAL D 111 -2.85 3.52 -4.37
N LYS D 112 -2.45 2.48 -5.11
CA LYS D 112 -2.18 2.55 -6.57
C LYS D 112 -3.02 1.50 -7.29
N PHE D 113 -3.74 1.94 -8.31
CA PHE D 113 -4.46 1.06 -9.27
C PHE D 113 -3.73 1.15 -10.61
N PHE D 114 -3.05 0.09 -11.05
CA PHE D 114 -2.23 0.11 -12.30
C PHE D 114 -2.65 -1.06 -13.19
N GLY D 115 -3.84 -1.62 -12.97
CA GLY D 115 -4.43 -2.60 -13.88
C GLY D 115 -5.90 -2.77 -13.56
N GLN D 116 -6.59 -3.70 -14.21
CA GLN D 116 -8.06 -3.79 -14.05
C GLN D 116 -8.51 -5.24 -14.09
N VAL D 117 -9.64 -5.46 -13.44
CA VAL D 117 -10.39 -6.75 -13.48
C VAL D 117 -11.51 -6.60 -14.50
N LEU D 118 -11.38 -7.30 -15.64
CA LEU D 118 -12.42 -7.35 -16.70
C LEU D 118 -13.35 -8.53 -16.44
N PRO D 119 -14.57 -8.53 -17.01
CA PRO D 119 -15.51 -9.64 -16.85
C PRO D 119 -15.01 -10.99 -17.41
N THR D 120 -13.98 -10.98 -18.25
CA THR D 120 -13.32 -12.19 -18.82
C THR D 120 -12.24 -12.73 -17.87
N ALA D 121 -11.88 -12.05 -16.78
CA ALA D 121 -10.91 -12.56 -15.78
C ALA D 121 -11.54 -13.76 -15.06
N LYS D 122 -10.72 -14.63 -14.45
CA LYS D 122 -11.22 -15.81 -13.70
C LYS D 122 -11.15 -15.59 -12.19
N LYS D 123 -10.07 -15.02 -11.68
CA LYS D 123 -9.83 -15.03 -10.20
C LYS D 123 -8.99 -13.83 -9.76
N VAL D 124 -9.46 -13.14 -8.74
CA VAL D 124 -8.70 -12.08 -8.02
C VAL D 124 -8.09 -12.73 -6.78
N THR D 125 -6.81 -12.48 -6.53
CA THR D 125 -6.14 -12.90 -5.28
C THR D 125 -5.70 -11.64 -4.49
N TYR D 126 -5.96 -11.66 -3.19
CA TYR D 126 -5.54 -10.64 -2.21
C TYR D 126 -4.41 -11.22 -1.35
N ASN D 127 -3.31 -10.48 -1.23
CA ASN D 127 -2.19 -10.79 -0.34
C ASN D 127 -2.05 -9.64 0.64
N ILE D 128 -2.21 -9.93 1.92
CA ILE D 128 -2.12 -8.93 3.03
C ILE D 128 -0.94 -9.27 3.92
N HIS D 129 -0.04 -8.30 4.12
CA HIS D 129 1.12 -8.44 5.04
C HIS D 129 0.87 -7.54 6.25
N ILE D 130 0.56 -8.14 7.38
CA ILE D 130 0.35 -7.41 8.66
C ILE D 130 1.71 -6.81 9.07
N LYS D 131 1.72 -5.50 9.33
CA LYS D 131 2.95 -4.75 9.65
C LYS D 131 3.06 -4.58 11.16
N ARG D 132 1.96 -4.24 11.83
CA ARG D 132 1.94 -3.92 13.28
C ARG D 132 0.50 -4.02 13.79
N THR D 133 0.32 -4.47 15.03
CA THR D 133 -0.95 -4.34 15.81
C THR D 133 -0.66 -3.46 17.03
N ILE D 134 -1.59 -2.57 17.38
CA ILE D 134 -1.43 -1.51 18.41
C ILE D 134 -2.60 -1.63 19.38
N ASN D 135 -2.36 -1.31 20.66
CA ASN D 135 -3.38 -1.13 21.74
C ASN D 135 -3.24 0.31 22.26
N LEU D 138 -7.55 2.24 21.07
CA LEU D 138 -8.33 1.06 20.58
C LEU D 138 -7.37 0.02 19.95
N VAL D 139 -7.89 -1.15 19.65
CA VAL D 139 -7.16 -2.23 18.92
C VAL D 139 -7.12 -1.82 17.44
N LEU D 140 -5.94 -1.76 16.81
CA LEU D 140 -5.89 -1.55 15.34
C LEU D 140 -4.72 -2.32 14.72
N ALA D 141 -4.84 -2.59 13.43
CA ALA D 141 -3.83 -3.26 12.61
C ALA D 141 -3.44 -2.31 11.48
N ILE D 142 -2.16 -2.32 11.14
CA ILE D 142 -1.59 -1.62 9.97
C ILE D 142 -1.04 -2.72 9.07
N ALA D 143 -1.33 -2.66 7.77
CA ALA D 143 -0.94 -3.72 6.81
C ALA D 143 -0.63 -3.12 5.45
N ASP D 144 0.17 -3.84 4.67
CA ASP D 144 0.36 -3.58 3.22
C ASP D 144 -0.40 -4.70 2.50
N GLY D 145 -0.85 -4.41 1.28
CA GLY D 145 -1.72 -5.35 0.54
C GLY D 145 -1.49 -5.22 -0.96
N THR D 146 -1.69 -6.33 -1.68
CA THR D 146 -1.75 -6.34 -3.15
C THR D 146 -3.05 -7.02 -3.58
N VAL D 147 -3.54 -6.56 -4.70
CA VAL D 147 -4.61 -7.24 -5.47
C VAL D 147 -3.99 -7.68 -6.79
N SER D 148 -4.23 -8.92 -7.15
CA SER D 148 -3.73 -9.59 -8.37
C SER D 148 -4.93 -10.17 -9.13
N VAL D 149 -4.87 -10.17 -10.44
CA VAL D 149 -5.91 -10.87 -11.26
C VAL D 149 -5.20 -11.88 -12.17
N ASP D 150 -5.53 -13.15 -11.99
CA ASP D 150 -4.97 -14.27 -12.79
C ASP D 150 -3.44 -14.15 -12.81
N GLY D 151 -2.80 -13.93 -11.66
CA GLY D 151 -1.33 -13.91 -11.50
C GLY D 151 -0.70 -12.52 -11.58
N ARG D 152 -1.38 -11.55 -12.19
CA ARG D 152 -0.84 -10.21 -12.46
C ARG D 152 -1.20 -9.24 -11.31
N GLU D 153 -0.20 -8.70 -10.63
CA GLU D 153 -0.43 -7.67 -9.59
C GLU D 153 -1.01 -6.44 -10.27
N ILE D 154 -2.13 -5.90 -9.77
CA ILE D 154 -2.76 -4.71 -10.42
C ILE D 154 -2.96 -3.55 -9.43
N TYR D 155 -3.12 -3.80 -8.13
CA TYR D 155 -3.25 -2.74 -7.10
C TYR D 155 -2.25 -3.00 -5.99
N SER D 156 -1.79 -1.92 -5.35
CA SER D 156 -0.99 -1.97 -4.10
C SER D 156 -1.55 -0.93 -3.12
N ALA D 157 -1.49 -1.25 -1.84
CA ALA D 157 -1.93 -0.37 -0.74
C ALA D 157 -0.89 -0.46 0.40
N GLU D 158 -0.41 0.68 0.85
CA GLU D 158 0.56 0.80 1.96
C GLU D 158 -0.19 1.44 3.12
N GLY D 159 -0.01 0.90 4.32
CA GLY D 159 -0.56 1.52 5.54
C GLY D 159 -2.07 1.39 5.60
N LEU D 160 -2.67 0.28 5.14
CA LEU D 160 -4.09 -0.01 5.42
C LEU D 160 -4.24 -0.03 6.95
N ARG D 161 -5.27 0.63 7.47
CA ARG D 161 -5.56 0.67 8.91
C ARG D 161 -7.02 0.27 9.14
N VAL D 162 -7.24 -0.62 10.08
CA VAL D 162 -8.59 -1.04 10.54
C VAL D 162 -8.55 -1.08 12.07
N GLY D 163 -9.60 -0.58 12.71
CA GLY D 163 -9.73 -0.60 14.17
C GLY D 163 -10.99 -1.34 14.60
N LEU D 164 -10.97 -1.81 15.86
CA LEU D 164 -12.11 -2.45 16.53
C LEU D 164 -12.62 -1.52 17.64
N PHE D 165 -13.93 -1.30 17.68
CA PHE D 165 -14.64 -0.41 18.62
C PHE D 165 -15.48 -1.28 19.57
N THR D 166 -15.21 -1.24 20.88
CA THR D 166 -16.15 -1.65 21.95
C THR D 166 -16.80 -0.39 22.52
N MET E 1 30.80 -29.96 17.89
CA MET E 1 32.03 -30.05 17.03
C MET E 1 32.71 -28.67 16.82
N THR E 2 32.59 -27.75 17.79
CA THR E 2 33.15 -26.37 17.81
C THR E 2 34.69 -26.43 17.88
N LYS E 3 35.26 -27.59 18.25
CA LYS E 3 36.73 -27.80 18.24
C LYS E 3 37.20 -28.09 16.82
N GLN E 4 36.34 -28.50 15.85
CA GLN E 4 36.80 -28.80 14.46
C GLN E 4 36.66 -27.51 13.63
N HIS E 5 37.76 -27.06 13.03
CA HIS E 5 37.87 -25.70 12.44
C HIS E 5 38.02 -25.75 10.91
N ALA E 6 38.01 -26.92 10.29
CA ALA E 6 38.19 -27.08 8.83
C ALA E 6 37.41 -28.30 8.37
N PHE E 7 36.85 -28.24 7.15
CA PHE E 7 36.04 -29.32 6.55
C PHE E 7 36.47 -29.50 5.10
N THR E 8 36.70 -30.78 4.73
CA THR E 8 37.07 -31.19 3.35
C THR E 8 35.80 -31.26 2.50
N ARG E 9 35.95 -31.38 1.20
CA ARG E 9 34.83 -31.61 0.26
C ARG E 9 34.06 -32.84 0.71
N GLU E 10 34.75 -33.91 1.11
CA GLU E 10 34.06 -35.18 1.51
C GLU E 10 33.22 -34.91 2.77
N ASP E 11 33.67 -34.06 3.69
CA ASP E 11 32.88 -33.65 4.88
C ASP E 11 31.60 -32.94 4.40
N LEU E 12 31.73 -32.05 3.41
CA LEU E 12 30.59 -31.24 2.93
C LEU E 12 29.59 -32.16 2.21
N LEU E 13 30.06 -33.11 1.41
CA LEU E 13 29.17 -34.08 0.72
C LEU E 13 28.41 -34.90 1.78
N ARG E 14 29.11 -35.32 2.84
CA ARG E 14 28.52 -36.09 3.98
C ARG E 14 27.44 -35.20 4.61
N CYS E 15 27.74 -33.92 4.82
CA CYS E 15 26.77 -32.92 5.34
C CYS E 15 25.52 -32.90 4.45
N SER E 16 25.70 -32.93 3.12
CA SER E 16 24.60 -32.81 2.14
C SER E 16 23.67 -34.04 2.21
N ARG E 17 24.19 -35.19 2.67
CA ARG E 17 23.42 -36.46 2.79
C ARG E 17 22.77 -36.54 4.17
N GLY E 18 22.98 -35.56 5.06
CA GLY E 18 22.35 -35.53 6.39
C GLY E 18 23.21 -36.21 7.45
N GLU E 19 24.40 -36.68 7.06
CA GLU E 19 25.25 -37.56 7.91
C GLU E 19 26.32 -36.76 8.68
N LEU E 20 26.40 -35.43 8.58
CA LEU E 20 27.35 -34.66 9.41
C LEU E 20 26.64 -34.20 10.69
N PHE E 21 25.49 -33.53 10.57
CA PHE E 21 24.78 -32.94 11.73
C PHE E 21 23.59 -33.81 12.12
N GLY E 22 23.23 -34.81 11.31
CA GLY E 22 22.22 -35.82 11.71
C GLY E 22 20.83 -35.46 11.20
N PRO E 23 19.86 -36.40 11.27
CA PRO E 23 18.57 -36.19 10.62
C PRO E 23 17.81 -35.02 11.28
N GLY E 24 17.08 -34.24 10.47
CA GLY E 24 16.32 -33.05 10.87
C GLY E 24 17.21 -31.85 11.19
N ASN E 25 18.52 -31.93 10.92
CA ASN E 25 19.46 -30.80 11.18
C ASN E 25 19.93 -30.25 9.84
N ALA E 26 20.70 -29.15 9.90
CA ALA E 26 21.21 -28.38 8.76
C ALA E 26 21.83 -29.35 7.75
N GLN E 27 21.53 -29.14 6.48
CA GLN E 27 22.12 -29.88 5.34
C GLN E 27 22.65 -28.83 4.38
N LEU E 28 23.86 -29.01 3.87
CA LEU E 28 24.27 -28.31 2.62
C LEU E 28 23.47 -28.91 1.45
N PRO E 29 23.34 -28.16 0.34
CA PRO E 29 22.88 -28.76 -0.90
C PRO E 29 23.94 -29.77 -1.39
N ALA E 30 23.50 -30.77 -2.14
CA ALA E 30 24.37 -31.70 -2.91
C ALA E 30 24.68 -31.04 -4.25
N PRO E 31 25.67 -31.53 -5.02
CA PRO E 31 25.85 -31.07 -6.39
C PRO E 31 24.54 -31.31 -7.15
N ASN E 32 24.12 -30.40 -8.04
CA ASN E 32 24.93 -29.31 -8.56
C ASN E 32 24.60 -27.95 -7.91
N MET E 33 23.93 -27.90 -6.76
CA MET E 33 23.62 -26.62 -6.06
C MET E 33 24.69 -26.33 -5.00
N LEU E 34 25.57 -27.28 -4.66
CA LEU E 34 26.64 -27.06 -3.64
C LEU E 34 27.64 -26.08 -4.25
N MET E 35 27.92 -24.94 -3.60
CA MET E 35 28.80 -23.89 -4.19
C MET E 35 30.04 -23.67 -3.32
N ILE E 36 30.41 -24.72 -2.56
CA ILE E 36 31.60 -24.76 -1.67
C ILE E 36 32.35 -26.07 -1.92
N ASP E 37 33.69 -26.02 -2.05
CA ASP E 37 34.58 -27.22 -2.08
C ASP E 37 35.15 -27.48 -0.69
N ARG E 38 35.54 -26.46 0.06
CA ARG E 38 36.15 -26.69 1.39
C ARG E 38 35.86 -25.50 2.32
N ILE E 39 35.73 -25.80 3.60
CA ILE E 39 35.74 -24.75 4.65
C ILE E 39 37.15 -24.76 5.24
N VAL E 40 37.92 -23.74 4.89
CA VAL E 40 39.35 -23.56 5.28
C VAL E 40 39.40 -23.21 6.78
N HIS E 41 38.44 -22.43 7.27
CA HIS E 41 38.41 -21.97 8.68
C HIS E 41 36.98 -21.66 9.10
N ILE E 42 36.59 -22.14 10.26
CA ILE E 42 35.29 -21.80 10.92
C ILE E 42 35.59 -21.74 12.43
N SER E 43 35.05 -20.73 13.09
CA SER E 43 35.29 -20.39 14.50
C SER E 43 34.08 -19.62 15.02
N ASP E 44 33.79 -19.70 16.32
CA ASP E 44 32.75 -18.90 16.99
C ASP E 44 33.33 -17.69 17.73
N VAL E 45 34.58 -17.34 17.42
CA VAL E 45 35.27 -16.11 17.88
C VAL E 45 35.92 -15.48 16.64
N GLY E 46 36.45 -14.27 16.75
CA GLY E 46 37.05 -13.58 15.60
C GLY E 46 35.97 -13.11 14.65
N GLY E 47 36.41 -12.83 13.43
CA GLY E 47 35.70 -12.05 12.40
C GLY E 47 35.51 -10.60 12.79
N LYS E 48 34.89 -9.83 11.90
CA LYS E 48 34.58 -8.39 11.96
C LYS E 48 33.93 -7.99 13.29
N TYR E 49 33.14 -8.84 13.91
CA TYR E 49 32.33 -8.51 15.11
C TYR E 49 32.78 -9.30 16.34
N GLY E 50 33.80 -10.16 16.25
CA GLY E 50 34.24 -10.99 17.38
C GLY E 50 33.30 -12.15 17.69
N LYS E 51 32.35 -12.47 16.81
CA LYS E 51 31.26 -13.44 17.07
C LYS E 51 31.42 -14.63 16.11
N GLY E 52 32.56 -14.74 15.42
CA GLY E 52 32.84 -15.89 14.58
C GLY E 52 32.95 -15.58 13.11
N GLU E 53 33.44 -16.52 12.35
CA GLU E 53 33.93 -16.29 10.96
C GLU E 53 33.96 -17.64 10.23
N LEU E 54 33.71 -17.62 8.93
CA LEU E 54 34.05 -18.73 8.01
C LEU E 54 34.91 -18.16 6.87
N VAL E 55 35.89 -18.94 6.45
CA VAL E 55 36.59 -18.79 5.16
C VAL E 55 36.41 -20.12 4.42
N ALA E 56 35.92 -20.05 3.20
CA ALA E 56 35.61 -21.23 2.37
C ALA E 56 36.04 -20.96 0.94
N GLU E 57 36.17 -22.01 0.15
CA GLU E 57 36.68 -21.93 -1.24
C GLU E 57 35.81 -22.78 -2.17
N LEU E 58 35.71 -22.32 -3.41
CA LEU E 58 35.21 -23.09 -4.57
C LEU E 58 36.25 -22.99 -5.68
N ASP E 59 36.76 -24.15 -6.12
CA ASP E 59 37.67 -24.28 -7.28
C ASP E 59 36.87 -24.05 -8.56
N ILE E 60 37.47 -23.31 -9.49
CA ILE E 60 36.86 -22.96 -10.79
C ILE E 60 37.60 -23.73 -11.89
N ASN E 61 36.86 -24.32 -12.83
CA ASN E 61 37.42 -24.84 -14.10
C ASN E 61 36.40 -24.55 -15.18
N PRO E 62 36.81 -24.51 -16.47
CA PRO E 62 35.90 -24.10 -17.54
C PRO E 62 34.69 -25.03 -17.78
N ASP E 63 34.68 -26.23 -17.18
CA ASP E 63 33.67 -27.27 -17.47
C ASP E 63 32.57 -27.23 -16.41
N LEU E 64 32.63 -26.36 -15.40
CA LEU E 64 31.53 -26.25 -14.41
C LEU E 64 30.23 -25.96 -15.18
N TRP E 65 29.17 -26.66 -14.84
CA TRP E 65 27.89 -26.72 -15.62
C TRP E 65 27.34 -25.31 -15.88
N PHE E 66 27.48 -24.37 -14.94
CA PHE E 66 26.78 -23.07 -15.03
C PHE E 66 27.40 -22.19 -16.12
N PHE E 67 28.60 -22.49 -16.62
CA PHE E 67 29.27 -21.62 -17.61
C PHE E 67 28.59 -21.73 -18.99
N ALA E 68 28.21 -22.93 -19.41
CA ALA E 68 27.70 -23.21 -20.77
C ALA E 68 26.34 -22.52 -20.99
N CYS E 69 25.47 -22.51 -19.95
CA CYS E 69 24.09 -21.97 -20.07
C CYS E 69 24.00 -20.50 -19.59
N HIS E 70 25.08 -19.92 -19.05
CA HIS E 70 25.00 -18.61 -18.34
C HIS E 70 26.25 -17.79 -18.60
N PHE E 71 26.30 -17.09 -19.74
CA PHE E 71 25.36 -17.10 -20.84
C PHE E 71 26.03 -17.71 -22.08
N GLU E 72 25.23 -18.14 -23.07
CA GLU E 72 25.76 -18.69 -24.35
C GLU E 72 26.63 -17.62 -25.00
N GLY E 73 27.91 -17.94 -25.25
CA GLY E 73 28.90 -17.01 -25.85
C GLY E 73 29.38 -15.93 -24.90
N ASP E 74 29.00 -15.99 -23.60
CA ASP E 74 29.36 -14.98 -22.59
C ASP E 74 29.34 -15.67 -21.22
N PRO E 75 30.23 -16.66 -20.98
CA PRO E 75 30.19 -17.44 -19.74
C PRO E 75 30.56 -16.61 -18.51
N VAL E 76 29.78 -16.73 -17.44
CA VAL E 76 30.03 -16.03 -16.15
C VAL E 76 29.31 -16.77 -15.02
N MET E 77 30.00 -17.07 -13.93
CA MET E 77 29.34 -17.73 -12.78
C MET E 77 28.17 -16.88 -12.36
N PRO E 78 26.94 -17.45 -12.27
CA PRO E 78 25.79 -16.68 -11.78
C PRO E 78 26.11 -16.04 -10.42
N GLY E 79 25.84 -14.74 -10.31
CA GLY E 79 25.97 -14.01 -9.03
C GLY E 79 25.11 -14.67 -7.97
N CYS E 80 23.91 -15.13 -8.36
CA CYS E 80 22.95 -15.74 -7.40
C CYS E 80 23.58 -16.96 -6.71
N LEU E 81 24.50 -17.68 -7.37
CA LEU E 81 25.10 -18.92 -6.80
C LEU E 81 26.21 -18.56 -5.81
N GLY E 82 26.96 -17.50 -6.07
CA GLY E 82 27.93 -16.99 -5.07
C GLY E 82 27.24 -16.42 -3.86
N LEU E 83 26.13 -15.70 -4.05
CA LEU E 83 25.27 -15.25 -2.94
C LEU E 83 24.79 -16.50 -2.20
N ASP E 84 24.34 -17.53 -2.92
CA ASP E 84 23.81 -18.74 -2.24
C ASP E 84 24.90 -19.43 -1.42
N ALA E 85 26.14 -19.46 -1.88
CA ALA E 85 27.27 -20.01 -1.09
C ALA E 85 27.31 -19.34 0.27
N MET E 86 27.04 -18.04 0.34
CA MET E 86 27.11 -17.31 1.63
C MET E 86 25.97 -17.79 2.55
N TRP E 87 24.74 -17.95 2.02
CA TRP E 87 23.61 -18.57 2.79
C TRP E 87 23.98 -20.01 3.19
N GLN E 88 24.59 -20.79 2.30
CA GLN E 88 24.96 -22.22 2.57
C GLN E 88 25.92 -22.21 3.78
N LEU E 89 26.88 -21.28 3.81
CA LEU E 89 27.90 -21.21 4.89
C LEU E 89 27.26 -20.77 6.21
N VAL E 90 26.35 -19.79 6.20
CA VAL E 90 25.69 -19.35 7.46
C VAL E 90 24.85 -20.51 8.00
N GLY E 91 24.16 -21.27 7.16
CA GLY E 91 23.39 -22.46 7.57
C GLY E 91 24.30 -23.51 8.16
N PHE E 92 25.44 -23.76 7.52
CA PHE E 92 26.44 -24.72 8.03
C PHE E 92 26.88 -24.28 9.45
N TYR E 93 27.18 -23.00 9.64
CA TYR E 93 27.60 -22.44 10.94
C TYR E 93 26.57 -22.78 12.01
N LEU E 94 25.28 -22.56 11.74
CA LEU E 94 24.22 -22.83 12.74
C LEU E 94 24.21 -24.32 13.12
N GLY E 95 24.34 -25.21 12.13
CA GLY E 95 24.44 -26.65 12.36
C GLY E 95 25.68 -27.02 13.16
N TRP E 96 26.82 -26.44 12.81
CA TRP E 96 28.14 -26.69 13.44
C TRP E 96 28.09 -26.27 14.92
N GLN E 97 27.33 -25.25 15.28
CA GLN E 97 27.17 -24.82 16.70
C GLN E 97 26.34 -25.82 17.50
N GLY E 98 25.65 -26.75 16.83
CA GLY E 98 24.88 -27.81 17.53
C GLY E 98 23.41 -27.49 17.60
N ASN E 99 22.93 -26.46 16.89
CA ASN E 99 21.49 -26.11 16.86
C ASN E 99 20.72 -27.16 16.06
N PRO E 100 19.50 -27.52 16.51
CA PRO E 100 18.66 -28.43 15.74
C PRO E 100 17.86 -27.67 14.67
N GLY E 101 17.40 -28.38 13.64
CA GLY E 101 16.41 -27.87 12.66
C GLY E 101 16.98 -27.78 11.26
N ARG E 102 16.10 -27.72 10.26
CA ARG E 102 16.42 -27.63 8.82
C ARG E 102 16.62 -26.14 8.48
N GLY E 103 17.63 -25.87 7.65
CA GLY E 103 18.04 -24.52 7.23
C GLY E 103 17.18 -23.98 6.10
N ARG E 104 16.85 -22.70 6.19
CA ARG E 104 16.27 -21.89 5.09
C ARG E 104 16.93 -20.52 5.12
N ALA E 105 17.36 -20.03 3.95
CA ALA E 105 17.72 -18.60 3.77
C ALA E 105 16.47 -17.77 4.05
N LEU E 106 16.60 -16.67 4.79
CA LEU E 106 15.48 -15.74 5.10
C LEU E 106 15.67 -14.43 4.34
N GLY E 107 16.86 -14.22 3.76
CA GLY E 107 17.10 -13.02 2.93
C GLY E 107 18.39 -12.31 3.29
N SER E 108 18.47 -11.04 2.95
CA SER E 108 19.68 -10.21 3.15
C SER E 108 19.31 -8.74 3.10
N GLY E 109 20.13 -7.89 3.72
CA GLY E 109 20.14 -6.46 3.38
C GLY E 109 20.86 -6.33 2.05
N GLU E 110 21.68 -5.31 1.92
CA GLU E 110 22.32 -4.93 0.65
C GLU E 110 23.18 -6.08 0.09
N VAL E 111 22.96 -6.43 -1.17
CA VAL E 111 23.87 -7.26 -1.98
C VAL E 111 24.43 -6.42 -3.12
N LYS E 112 25.74 -6.45 -3.31
CA LYS E 112 26.44 -5.72 -4.40
C LYS E 112 27.30 -6.71 -5.18
N PHE E 113 27.12 -6.73 -6.49
CA PHE E 113 27.99 -7.46 -7.44
C PHE E 113 28.77 -6.39 -8.21
N PHE E 114 30.09 -6.33 -8.02
CA PHE E 114 30.96 -5.32 -8.69
C PHE E 114 32.11 -6.05 -9.40
N GLY E 115 31.95 -7.34 -9.68
CA GLY E 115 32.88 -8.10 -10.52
C GLY E 115 32.28 -9.46 -10.86
N GLN E 116 33.06 -10.33 -11.48
CA GLN E 116 32.54 -11.58 -12.07
C GLN E 116 33.62 -12.66 -12.01
N VAL E 117 33.17 -13.90 -12.02
CA VAL E 117 34.00 -15.12 -12.10
C VAL E 117 33.91 -15.62 -13.54
N LEU E 118 35.02 -15.56 -14.29
CA LEU E 118 35.11 -16.14 -15.66
C LEU E 118 35.60 -17.59 -15.59
N PRO E 119 35.38 -18.40 -16.66
CA PRO E 119 35.85 -19.78 -16.70
C PRO E 119 37.38 -19.95 -16.61
N THR E 120 38.15 -18.87 -16.82
CA THR E 120 39.63 -18.85 -16.71
C THR E 120 40.07 -18.60 -15.26
N ALA E 121 39.18 -18.27 -14.33
CA ALA E 121 39.54 -18.09 -12.91
C ALA E 121 39.97 -19.43 -12.32
N LYS E 122 40.69 -19.43 -11.20
CA LYS E 122 41.15 -20.64 -10.49
C LYS E 122 40.32 -20.88 -9.23
N LYS E 123 40.05 -19.86 -8.42
CA LYS E 123 39.49 -20.07 -7.05
C LYS E 123 38.68 -18.86 -6.56
N VAL E 124 37.48 -19.17 -6.07
CA VAL E 124 36.58 -18.19 -5.39
C VAL E 124 36.75 -18.40 -3.89
N THR E 125 36.94 -17.32 -3.13
CA THR E 125 36.98 -17.38 -1.65
C THR E 125 35.79 -16.60 -1.08
N TYR E 126 35.13 -17.19 -0.09
CA TYR E 126 34.02 -16.62 0.67
C TYR E 126 34.53 -16.30 2.09
N ASN E 127 34.23 -15.12 2.57
CA ASN E 127 34.59 -14.63 3.92
C ASN E 127 33.27 -14.22 4.57
N ILE E 128 32.87 -14.90 5.64
CA ILE E 128 31.60 -14.70 6.36
C ILE E 128 31.92 -14.22 7.77
N HIS E 129 31.34 -13.11 8.19
CA HIS E 129 31.48 -12.52 9.54
C HIS E 129 30.13 -12.65 10.24
N ILE E 130 30.07 -13.51 11.25
CA ILE E 130 28.81 -13.71 12.03
C ILE E 130 28.59 -12.45 12.89
N LYS E 131 27.40 -11.88 12.81
CA LYS E 131 27.03 -10.62 13.53
C LYS E 131 26.31 -10.98 14.83
N ARG E 132 25.34 -11.88 14.77
CA ARG E 132 24.44 -12.20 15.91
C ARG E 132 23.77 -13.53 15.61
N THR E 133 23.53 -14.35 16.65
CA THR E 133 22.63 -15.52 16.63
C THR E 133 21.52 -15.25 17.65
N ILE E 134 20.28 -15.68 17.35
CA ILE E 134 19.07 -15.54 18.21
C ILE E 134 18.45 -16.91 18.41
N ASN E 135 17.79 -17.15 19.57
CA ASN E 135 16.91 -18.32 19.83
C ASN E 135 15.49 -17.81 20.13
N LEU E 138 12.60 -18.93 17.20
CA LEU E 138 13.23 -19.45 15.96
C LEU E 138 14.75 -19.20 16.04
N VAL E 139 15.61 -20.20 15.80
CA VAL E 139 17.07 -20.00 15.76
C VAL E 139 17.43 -19.32 14.42
N LEU E 140 18.12 -18.19 14.44
CA LEU E 140 18.63 -17.58 13.19
C LEU E 140 19.98 -16.92 13.44
N ALA E 141 20.73 -16.77 12.36
CA ALA E 141 22.03 -16.09 12.32
C ALA E 141 21.91 -14.95 11.33
N ILE E 142 22.56 -13.84 11.67
CA ILE E 142 22.74 -12.66 10.81
C ILE E 142 24.24 -12.54 10.58
N ALA E 143 24.66 -12.30 9.34
CA ALA E 143 26.08 -12.26 8.97
C ALA E 143 26.31 -11.27 7.83
N ASP E 144 27.54 -10.77 7.72
CA ASP E 144 28.01 -10.06 6.51
C ASP E 144 28.96 -11.01 5.79
N GLY E 145 29.10 -10.85 4.48
CA GLY E 145 29.96 -11.70 3.66
C GLY E 145 30.59 -10.95 2.52
N THR E 146 31.75 -11.40 2.08
CA THR E 146 32.41 -10.94 0.82
C THR E 146 32.80 -12.16 0.01
N VAL E 147 32.81 -12.00 -1.29
CA VAL E 147 33.28 -12.99 -2.28
C VAL E 147 34.44 -12.35 -3.02
N SER E 148 35.54 -13.10 -3.16
CA SER E 148 36.74 -12.72 -3.93
C SER E 148 37.03 -13.79 -4.98
N VAL E 149 37.63 -13.40 -6.11
CA VAL E 149 38.13 -14.39 -7.10
C VAL E 149 39.61 -14.10 -7.38
N ASP E 150 40.48 -15.07 -7.09
CA ASP E 150 41.93 -14.98 -7.34
C ASP E 150 42.47 -13.63 -6.82
N GLY E 151 42.15 -13.23 -5.58
CA GLY E 151 42.70 -12.02 -4.93
C GLY E 151 41.85 -10.76 -5.08
N ARG E 152 40.87 -10.76 -5.99
CA ARG E 152 40.04 -9.56 -6.28
C ARG E 152 38.68 -9.70 -5.57
N GLU E 153 38.34 -8.79 -4.69
CA GLU E 153 36.97 -8.71 -4.09
C GLU E 153 35.96 -8.41 -5.19
N ILE E 154 34.88 -9.18 -5.30
CA ILE E 154 33.86 -8.92 -6.37
C ILE E 154 32.43 -8.75 -5.82
N TYR E 155 32.04 -9.37 -4.71
CA TYR E 155 30.67 -9.24 -4.16
C TYR E 155 30.72 -8.89 -2.68
N SER E 156 29.70 -8.21 -2.17
CA SER E 156 29.45 -8.03 -0.73
C SER E 156 27.98 -8.28 -0.43
N ALA E 157 27.68 -8.74 0.78
CA ALA E 157 26.31 -8.91 1.28
C ALA E 157 26.30 -8.47 2.76
N GLU E 158 25.34 -7.63 3.15
CA GLU E 158 25.13 -7.19 4.54
C GLU E 158 23.83 -7.78 5.02
N GLY E 159 23.79 -8.28 6.24
CA GLY E 159 22.56 -8.76 6.87
C GLY E 159 22.05 -10.04 6.23
N LEU E 160 22.92 -10.94 5.80
CA LEU E 160 22.48 -12.31 5.42
C LEU E 160 21.75 -12.90 6.63
N ARG E 161 20.61 -13.53 6.40
CA ARG E 161 19.83 -14.20 7.44
C ARG E 161 19.54 -15.64 7.00
N VAL E 162 19.77 -16.58 7.92
CA VAL E 162 19.41 -18.00 7.77
C VAL E 162 18.73 -18.43 9.07
N GLY E 163 17.64 -19.18 8.96
CA GLY E 163 16.93 -19.74 10.12
C GLY E 163 16.85 -21.25 10.06
N LEU E 164 16.67 -21.86 11.22
CA LEU E 164 16.47 -23.31 11.42
C LEU E 164 15.03 -23.56 11.88
N PHE E 165 14.35 -24.48 11.23
CA PHE E 165 12.93 -24.85 11.47
C PHE E 165 12.90 -26.27 12.02
N THR E 166 12.33 -26.46 13.20
CA THR E 166 11.95 -27.81 13.73
C THR E 166 10.50 -28.11 13.32
N SER E 167 9.67 -27.08 13.16
CA SER E 167 8.23 -27.21 12.96
C SER E 167 7.68 -25.97 12.22
N THR E 168 6.87 -26.17 11.17
CA THR E 168 6.30 -25.09 10.32
C THR E 168 4.80 -24.91 10.59
N ASP E 169 4.26 -25.63 11.58
CA ASP E 169 2.81 -25.74 11.94
C ASP E 169 2.10 -24.38 11.95
N SER E 170 2.74 -23.38 12.55
CA SER E 170 2.18 -22.06 12.91
C SER E 170 2.11 -21.11 11.69
N PHE E 171 3.00 -21.30 10.69
CA PHE E 171 3.38 -20.31 9.65
C PHE E 171 2.43 -20.37 8.44
#